data_7ZEA
#
_entry.id   7ZEA
#
_cell.length_a   87.025
_cell.length_b   104.507
_cell.length_c   87.301
_cell.angle_alpha   90.000
_cell.angle_beta   117.470
_cell.angle_gamma   90.000
#
_symmetry.space_group_name_H-M   'P 1 21 1'
#
loop_
_entity.id
_entity.type
_entity.pdbx_description
1 polymer 'Aspartate carbamoyltransferase'
2 non-polymer O-benzylhydroxylamine
3 non-polymer 'SULFATE ION'
4 non-polymer 'SODIUM ION'
5 water water
#
_entity_poly.entity_id   1
_entity_poly.type   'polypeptide(L)'
_entity_poly.pdbx_seq_one_letter_code
;MFYINSKYKIDLDKIMTKMKNKSVINIDDVDDEELLAILYTSKQFEKILKNNEDSKYLENKVFCSVFLEPSTRTRCSFDA
AILKLGSKVLNITDMNSTSFYKGETVEDAFKILSTYVDGIIYRDPSKKNVDIAVSSSSKPIINAGNGTGEHPTQSLLDFY
TIHNYFPFILDRNINKKLNIAFVGDLKNGRTVHSLSKLLSRYNVSFNFVSCKSLNIPKDIVNTITYNLKKNNFYSDDSIK
YFDNLEEGLEDVHIIYMTRIQKERFTDVDEYNQYKNAFILSNKTLENTRDDTKILHPLPRVNEIKVEVDSNPKSVYFTQA
ENGLYVRMALLYLIFSSTSSAWSHPQFEK
;
_entity_poly.pdbx_strand_id   A,B,C
#
loop_
_chem_comp.id
_chem_comp.type
_chem_comp.name
_chem_comp.formula
NA non-polymer 'SODIUM ION' 'Na 1'
OBZ non-polymer O-benzylhydroxylamine 'C7 H9 N O'
SO4 non-polymer 'SULFATE ION' 'O4 S -2'
#
# COMPACT_ATOMS: atom_id res chain seq x y z
N TYR A 3 18.38 7.02 31.53
CA TYR A 3 17.82 7.88 30.42
C TYR A 3 18.11 9.37 30.70
N ILE A 4 19.17 9.89 30.08
CA ILE A 4 19.72 11.26 30.31
C ILE A 4 19.86 11.95 28.92
N ASN A 5 19.87 13.30 28.79
CA ASN A 5 20.39 14.00 27.56
C ASN A 5 21.77 14.70 27.79
N SER A 6 22.74 13.98 28.39
CA SER A 6 24.02 14.47 29.01
C SER A 6 23.83 14.97 30.47
N LYS A 7 22.69 15.60 30.83
CA LYS A 7 22.47 16.27 32.16
C LYS A 7 21.00 16.22 32.67
N TYR A 8 19.95 16.04 31.82
CA TYR A 8 18.52 15.91 32.28
C TYR A 8 18.09 14.44 32.26
N LYS A 9 17.73 13.91 33.43
CA LYS A 9 17.19 12.55 33.62
C LYS A 9 15.72 12.53 33.19
N ILE A 10 15.37 11.54 32.37
CA ILE A 10 14.03 11.33 31.75
C ILE A 10 13.45 10.04 32.35
N ASP A 11 12.31 10.17 33.05
CA ASP A 11 11.47 9.02 33.46
C ASP A 11 10.54 8.74 32.27
N LEU A 12 11.12 8.07 31.26
CA LEU A 12 10.45 7.60 30.04
C LEU A 12 9.23 6.79 30.46
N ASP A 13 9.37 5.92 31.48
CA ASP A 13 8.25 5.14 32.04
C ASP A 13 7.11 6.12 32.41
N LYS A 14 7.36 7.12 33.26
CA LYS A 14 6.29 8.06 33.73
C LYS A 14 5.76 8.85 32.55
N ILE A 15 6.62 9.35 31.68
CA ILE A 15 6.21 10.26 30.57
C ILE A 15 5.37 9.48 29.53
N MET A 16 5.65 8.20 29.37
CA MET A 16 4.90 7.35 28.43
C MET A 16 3.51 7.06 29.03
N THR A 17 3.41 6.70 30.31
CA THR A 17 2.11 6.57 31.02
C THR A 17 1.24 7.79 30.71
N LYS A 18 1.85 8.96 30.63
CA LYS A 18 1.15 10.25 30.38
C LYS A 18 0.83 10.38 28.89
N MET A 19 1.73 10.02 27.97
CA MET A 19 1.52 10.21 26.51
C MET A 19 0.73 9.05 25.89
N LYS A 20 0.52 7.95 26.60
CA LYS A 20 -0.21 6.80 26.02
C LYS A 20 -1.53 7.32 25.45
N ASN A 21 -1.77 7.04 24.17
CA ASN A 21 -3.07 7.32 23.49
C ASN A 21 -3.38 8.83 23.43
N LYS A 22 -2.33 9.63 23.47
CA LYS A 22 -2.47 11.10 23.38
C LYS A 22 -2.57 11.40 21.90
N SER A 23 -3.50 12.25 21.51
CA SER A 23 -3.52 12.83 20.15
C SER A 23 -2.59 14.02 20.15
N VAL A 24 -1.95 14.27 19.01
CA VAL A 24 -1.03 15.42 18.83
C VAL A 24 -1.51 16.21 17.62
N ILE A 25 -2.15 17.34 17.86
CA ILE A 25 -2.77 18.19 16.82
C ILE A 25 -1.92 19.43 16.58
N ASN A 26 -1.43 20.00 17.68
CA ASN A 26 -0.84 21.36 17.82
C ASN A 26 0.46 21.17 18.59
N ILE A 27 1.52 21.92 18.30
CA ILE A 27 2.75 21.83 19.16
C ILE A 27 2.46 22.15 20.65
N ASP A 28 1.41 22.92 20.98
CA ASP A 28 1.01 23.19 22.39
C ASP A 28 0.49 21.93 23.08
N ASP A 29 0.26 20.84 22.36
CA ASP A 29 -0.18 19.58 23.01
C ASP A 29 1.03 18.86 23.60
N VAL A 30 2.23 19.37 23.33
CA VAL A 30 3.50 18.77 23.83
C VAL A 30 4.08 19.70 24.90
N ASP A 31 4.26 19.20 26.11
CA ASP A 31 4.80 19.99 27.22
C ASP A 31 6.32 19.68 27.33
N ASP A 32 7.01 20.27 28.31
CA ASP A 32 8.49 20.23 28.48
C ASP A 32 8.93 18.79 28.60
N GLU A 33 8.39 18.03 29.57
CA GLU A 33 8.77 16.62 29.82
C GLU A 33 8.56 15.79 28.54
N GLU A 34 7.49 16.08 27.79
CA GLU A 34 7.13 15.29 26.58
C GLU A 34 8.13 15.64 25.50
N LEU A 35 8.55 16.91 25.44
CA LEU A 35 9.54 17.36 24.44
C LEU A 35 10.86 16.64 24.72
N LEU A 36 11.28 16.58 25.98
CA LEU A 36 12.50 15.85 26.37
C LEU A 36 12.35 14.40 25.93
N ALA A 37 11.22 13.75 26.21
CA ALA A 37 11.06 12.32 25.88
C ALA A 37 11.19 12.12 24.35
N ILE A 38 10.59 13.02 23.56
CA ILE A 38 10.60 12.96 22.08
C ILE A 38 12.04 13.16 21.60
N LEU A 39 12.80 14.07 22.21
CA LEU A 39 14.19 14.38 21.78
C LEU A 39 15.08 13.21 22.18
N TYR A 40 14.94 12.68 23.40
CA TYR A 40 15.78 11.56 23.87
C TYR A 40 15.56 10.35 22.95
N THR A 41 14.29 10.04 22.69
CA THR A 41 13.86 8.81 21.99
C THR A 41 14.24 8.94 20.50
N SER A 42 14.04 10.14 19.92
CA SER A 42 14.43 10.46 18.53
C SER A 42 15.92 10.13 18.35
N LYS A 43 16.74 10.58 19.30
CA LYS A 43 18.22 10.41 19.27
C LYS A 43 18.56 8.92 19.32
N GLN A 44 17.84 8.14 20.10
CA GLN A 44 18.09 6.69 20.17
C GLN A 44 17.82 6.09 18.78
N PHE A 45 16.70 6.43 18.15
CA PHE A 45 16.36 5.89 16.80
C PHE A 45 17.40 6.40 15.80
N GLU A 46 17.87 7.63 15.92
CA GLU A 46 18.91 8.13 15.00
C GLU A 46 20.13 7.19 15.13
N LYS A 47 20.57 6.86 16.33
CA LYS A 47 21.85 6.10 16.51
C LYS A 47 21.62 4.67 16.07
N ILE A 48 20.45 4.14 16.38
CA ILE A 48 20.10 2.74 16.05
C ILE A 48 20.12 2.60 14.54
N LEU A 49 19.47 3.49 13.79
CA LEU A 49 19.36 3.38 12.31
C LEU A 49 20.72 3.62 11.66
N LYS A 50 21.49 4.63 12.10
CA LYS A 50 22.82 4.92 11.52
C LYS A 50 23.77 3.76 11.77
N ASN A 51 23.57 2.98 12.83
CA ASN A 51 24.41 1.78 13.14
C ASN A 51 23.74 0.50 12.61
N ASN A 52 22.72 0.63 11.76
CA ASN A 52 22.02 -0.52 11.14
C ASN A 52 21.56 -1.54 12.19
N GLU A 53 21.07 -1.13 13.35
CA GLU A 53 20.57 -2.11 14.32
C GLU A 53 19.07 -2.23 14.17
N ASP A 54 18.51 -3.22 14.85
CA ASP A 54 17.06 -3.49 14.90
C ASP A 54 16.30 -2.23 15.39
N SER A 55 15.31 -1.78 14.61
CA SER A 55 14.49 -0.57 14.84
C SER A 55 13.06 -0.97 15.23
N LYS A 56 12.80 -2.25 15.37
CA LYS A 56 11.43 -2.78 15.52
C LYS A 56 10.98 -2.64 16.99
N TYR A 57 10.80 -1.42 17.51
CA TYR A 57 10.39 -1.17 18.92
C TYR A 57 8.87 -1.09 19.09
N LEU A 58 8.13 -1.13 17.98
CA LEU A 58 6.65 -1.08 18.00
C LEU A 58 6.12 -1.92 16.84
N GLU A 59 6.13 -3.24 16.97
CA GLU A 59 5.44 -4.18 16.04
C GLU A 59 4.09 -4.45 16.68
N ASN A 60 3.13 -4.92 15.93
CA ASN A 60 1.82 -5.34 16.50
C ASN A 60 0.83 -4.20 16.42
N LYS A 61 1.20 -3.02 15.91
CA LYS A 61 0.22 -1.95 15.65
C LYS A 61 -0.16 -1.91 14.16
N VAL A 62 -1.36 -1.45 13.87
CA VAL A 62 -1.88 -1.27 12.48
C VAL A 62 -2.46 0.13 12.46
N PHE A 63 -1.96 0.98 11.59
CA PHE A 63 -2.29 2.42 11.52
C PHE A 63 -3.04 2.60 10.22
N CYS A 64 -3.79 3.70 10.18
CA CYS A 64 -4.38 4.23 8.91
C CYS A 64 -3.79 5.62 8.70
N SER A 65 -3.30 5.85 7.49
CA SER A 65 -2.77 7.14 7.06
C SER A 65 -3.77 7.71 6.05
N VAL A 66 -4.37 8.84 6.39
CA VAL A 66 -5.38 9.55 5.57
C VAL A 66 -4.77 10.88 5.16
N PHE A 67 -4.48 11.01 3.87
CA PHE A 67 -3.86 12.22 3.28
C PHE A 67 -4.80 12.76 2.23
N LEU A 68 -5.53 13.81 2.56
CA LEU A 68 -6.61 14.37 1.70
C LEU A 68 -6.10 15.57 0.90
N GLU A 69 -4.79 15.78 0.90
CA GLU A 69 -4.08 16.57 -0.14
C GLU A 69 -2.75 15.87 -0.43
N PRO A 70 -2.18 16.07 -1.63
CA PRO A 70 -0.89 15.50 -1.96
C PRO A 70 0.12 16.11 -0.99
N SER A 71 0.81 15.28 -0.23
CA SER A 71 1.96 15.68 0.60
C SER A 71 2.81 14.42 0.73
N THR A 72 3.31 13.97 -0.43
CA THR A 72 4.05 12.71 -0.61
C THR A 72 5.26 12.72 0.33
N ARG A 73 6.05 13.79 0.45
CA ARG A 73 7.21 13.80 1.39
C ARG A 73 6.73 13.39 2.78
N THR A 74 5.66 14.02 3.30
CA THR A 74 5.23 13.88 4.71
C THR A 74 4.64 12.49 4.86
N ARG A 75 3.79 12.10 3.94
CA ARG A 75 3.16 10.77 4.02
C ARG A 75 4.24 9.67 4.01
N CYS A 76 5.19 9.71 3.09
CA CYS A 76 6.26 8.68 2.98
C CYS A 76 7.09 8.66 4.27
N SER A 77 7.32 9.80 4.87
CA SER A 77 8.11 9.90 6.12
C SER A 77 7.36 9.14 7.21
N PHE A 78 6.07 9.39 7.32
CA PHE A 78 5.22 8.70 8.33
C PHE A 78 5.15 7.20 8.02
N ASP A 79 4.93 6.82 6.77
CA ASP A 79 4.87 5.39 6.37
C ASP A 79 6.21 4.73 6.76
N ALA A 80 7.31 5.37 6.42
CA ALA A 80 8.65 4.81 6.67
C ALA A 80 8.83 4.60 8.16
N ALA A 81 8.36 5.55 8.95
CA ALA A 81 8.52 5.51 10.42
C ALA A 81 7.72 4.33 10.96
N ILE A 82 6.47 4.19 10.55
CA ILE A 82 5.59 3.06 10.99
C ILE A 82 6.26 1.76 10.59
N LEU A 83 6.73 1.64 9.36
CA LEU A 83 7.23 0.34 8.87
C LEU A 83 8.55 0.02 9.53
N LYS A 84 9.43 1.01 9.69
CA LYS A 84 10.76 0.80 10.31
C LYS A 84 10.55 0.34 11.76
N LEU A 85 9.49 0.83 12.45
CA LEU A 85 9.15 0.46 13.84
C LEU A 85 8.66 -0.98 13.90
N GLY A 86 8.21 -1.53 12.76
CA GLY A 86 7.75 -2.93 12.66
C GLY A 86 6.24 -3.06 12.55
N SER A 87 5.53 -1.95 12.57
CA SER A 87 4.05 -1.91 12.52
C SER A 87 3.59 -1.87 11.07
N LYS A 88 2.29 -1.82 10.86
CA LYS A 88 1.72 -1.90 9.50
C LYS A 88 0.82 -0.69 9.30
N VAL A 89 0.60 -0.33 8.06
CA VAL A 89 -0.23 0.82 7.72
C VAL A 89 -1.04 0.47 6.46
N LEU A 90 -2.22 1.03 6.47
CA LEU A 90 -3.25 1.02 5.44
C LEU A 90 -3.38 2.50 5.06
N ASN A 91 -3.31 2.83 3.78
CA ASN A 91 -3.14 4.19 3.21
C ASN A 91 -4.42 4.63 2.50
N ILE A 92 -4.88 5.86 2.71
CA ILE A 92 -5.96 6.51 1.92
C ILE A 92 -5.34 7.78 1.38
N THR A 93 -5.06 7.88 0.08
CA THR A 93 -4.34 9.02 -0.56
C THR A 93 -5.10 9.45 -1.81
N ASP A 94 -4.40 10.16 -2.70
CA ASP A 94 -4.76 10.57 -4.09
C ASP A 94 -6.27 10.86 -4.19
N MET A 95 -6.85 11.27 -3.05
CA MET A 95 -8.21 11.87 -2.96
C MET A 95 -8.01 13.27 -2.34
N ASN A 96 -9.09 14.06 -2.35
CA ASN A 96 -9.28 15.32 -1.57
C ASN A 96 -10.49 15.15 -0.62
N SER A 97 -10.72 16.14 0.24
CA SER A 97 -11.76 16.11 1.29
C SER A 97 -13.12 15.72 0.65
N THR A 98 -13.54 16.38 -0.44
CA THR A 98 -14.90 16.24 -1.01
C THR A 98 -15.09 14.84 -1.60
N SER A 99 -14.10 14.27 -2.30
CA SER A 99 -14.19 12.94 -2.99
C SER A 99 -14.08 11.80 -1.96
N PHE A 100 -13.40 12.03 -0.82
CA PHE A 100 -13.22 11.02 0.25
C PHE A 100 -14.51 10.93 1.09
N TYR A 101 -15.16 12.05 1.41
CA TYR A 101 -16.35 12.06 2.32
C TYR A 101 -17.60 11.70 1.49
N LYS A 102 -17.60 12.03 0.19
CA LYS A 102 -18.72 11.83 -0.76
C LYS A 102 -20.06 11.77 0.00
N GLY A 103 -20.44 12.85 0.64
CA GLY A 103 -21.78 12.96 1.26
C GLY A 103 -21.76 12.54 2.72
N GLU A 104 -20.99 11.50 3.09
CA GLU A 104 -20.83 11.04 4.50
C GLU A 104 -20.15 12.11 5.36
N THR A 105 -20.57 12.23 6.62
CA THR A 105 -20.03 13.20 7.61
C THR A 105 -18.63 12.75 8.04
N VAL A 106 -17.81 13.69 8.47
CA VAL A 106 -16.44 13.43 8.97
C VAL A 106 -16.60 12.62 10.24
N GLU A 107 -17.63 12.91 11.03
CA GLU A 107 -17.83 12.28 12.37
C GLU A 107 -18.14 10.79 12.15
N ASP A 108 -19.02 10.45 11.19
CA ASP A 108 -19.33 9.03 10.88
C ASP A 108 -18.06 8.36 10.38
N ALA A 109 -17.31 9.02 9.51
CA ALA A 109 -16.17 8.36 8.82
C ALA A 109 -15.10 8.01 9.88
N PHE A 110 -14.85 8.88 10.83
CA PHE A 110 -13.77 8.67 11.83
C PHE A 110 -14.29 7.79 12.94
N LYS A 111 -15.58 7.82 13.21
CA LYS A 111 -16.15 6.91 14.25
C LYS A 111 -15.91 5.48 13.75
N ILE A 112 -16.16 5.24 12.47
CA ILE A 112 -16.03 3.89 11.87
C ILE A 112 -14.55 3.51 11.71
N LEU A 113 -13.78 4.36 11.05
CA LEU A 113 -12.39 4.04 10.71
C LEU A 113 -11.59 3.78 11.98
N SER A 114 -11.90 4.46 13.09
CA SER A 114 -11.14 4.27 14.35
C SER A 114 -11.42 2.90 14.95
N THR A 115 -12.47 2.18 14.52
CA THR A 115 -12.74 0.82 15.01
C THR A 115 -11.79 -0.18 14.32
N TYR A 116 -11.19 0.17 13.18
CA TYR A 116 -10.38 -0.75 12.32
C TYR A 116 -8.92 -0.77 12.75
N VAL A 117 -8.43 0.33 13.34
CA VAL A 117 -6.95 0.57 13.49
C VAL A 117 -6.61 1.02 14.91
N ASP A 118 -5.33 1.00 15.25
CA ASP A 118 -4.81 1.45 16.58
C ASP A 118 -4.60 2.96 16.64
N GLY A 119 -4.51 3.63 15.51
CA GLY A 119 -4.31 5.08 15.43
C GLY A 119 -4.33 5.58 13.99
N ILE A 120 -4.46 6.88 13.82
CA ILE A 120 -4.67 7.49 12.49
C ILE A 120 -3.71 8.66 12.36
N ILE A 121 -3.02 8.71 11.22
CA ILE A 121 -2.24 9.87 10.77
C ILE A 121 -3.13 10.62 9.77
N TYR A 122 -3.39 11.91 10.01
CA TYR A 122 -4.41 12.67 9.24
C TYR A 122 -3.79 13.97 8.77
N ARG A 123 -3.84 14.14 7.46
CA ARG A 123 -3.47 15.38 6.75
C ARG A 123 -4.67 15.84 5.93
N ASP A 124 -5.15 17.06 6.17
CA ASP A 124 -6.34 17.65 5.51
C ASP A 124 -6.15 19.16 5.50
N PRO A 125 -6.22 19.83 4.34
CA PRO A 125 -6.07 21.28 4.30
C PRO A 125 -7.18 21.97 5.09
N SER A 126 -8.37 21.38 5.27
CA SER A 126 -9.42 21.91 6.20
C SER A 126 -8.95 22.08 7.65
N LYS A 127 -9.19 23.28 8.18
CA LYS A 127 -9.20 23.68 9.61
C LYS A 127 -10.11 22.72 10.46
N LYS A 128 -11.39 22.68 10.09
CA LYS A 128 -12.48 22.11 10.90
C LYS A 128 -12.29 20.60 11.01
N ASN A 129 -11.80 19.93 9.96
CA ASN A 129 -11.90 18.45 9.84
C ASN A 129 -11.03 17.72 10.85
N VAL A 130 -9.80 18.17 11.07
CA VAL A 130 -8.91 17.45 12.01
C VAL A 130 -9.55 17.49 13.38
N ASP A 131 -10.18 18.59 13.76
CA ASP A 131 -10.78 18.67 15.12
C ASP A 131 -12.02 17.81 15.20
N ILE A 132 -12.84 17.75 14.14
CA ILE A 132 -14.04 16.86 14.15
C ILE A 132 -13.56 15.41 14.27
N ALA A 133 -12.51 15.05 13.51
CA ALA A 133 -11.93 13.71 13.55
C ALA A 133 -11.50 13.40 14.98
N VAL A 134 -10.89 14.34 15.68
CA VAL A 134 -10.42 14.07 17.06
C VAL A 134 -11.63 13.83 17.97
N SER A 135 -12.71 14.60 17.87
CA SER A 135 -13.95 14.36 18.67
C SER A 135 -14.51 12.96 18.43
N SER A 136 -14.54 12.51 17.18
CA SER A 136 -15.29 11.31 16.72
C SER A 136 -14.48 10.03 16.90
N SER A 137 -13.14 10.14 16.85
CA SER A 137 -12.23 8.98 16.81
C SER A 137 -12.15 8.34 18.19
N SER A 138 -12.30 7.01 18.30
CA SER A 138 -11.96 6.23 19.53
C SER A 138 -10.43 6.01 19.61
N LYS A 139 -9.63 6.54 18.68
CA LYS A 139 -8.19 6.26 18.64
C LYS A 139 -7.39 7.55 18.47
N PRO A 140 -6.13 7.55 18.94
CA PRO A 140 -5.27 8.73 18.81
C PRO A 140 -5.10 9.17 17.37
N ILE A 141 -5.15 10.47 17.15
CA ILE A 141 -4.82 11.09 15.85
C ILE A 141 -3.50 11.87 15.93
N ILE A 142 -2.64 11.69 14.95
CA ILE A 142 -1.49 12.59 14.72
C ILE A 142 -1.74 13.45 13.50
N ASN A 143 -1.81 14.76 13.74
CA ASN A 143 -2.01 15.75 12.66
C ASN A 143 -0.71 15.82 11.88
N ALA A 144 -0.78 15.57 10.59
CA ALA A 144 0.36 15.61 9.67
C ALA A 144 0.30 16.89 8.87
N GLY A 145 -0.59 17.83 9.23
CA GLY A 145 -0.65 19.18 8.65
C GLY A 145 -2.06 19.53 8.23
N ASN A 146 -2.52 20.73 8.59
CA ASN A 146 -3.84 21.27 8.18
C ASN A 146 -3.74 22.76 7.80
N GLY A 147 -4.86 23.33 7.39
CA GLY A 147 -5.01 24.72 6.90
C GLY A 147 -4.73 25.78 7.96
N THR A 148 -5.09 25.57 9.23
CA THR A 148 -4.77 26.48 10.38
C THR A 148 -3.24 26.61 10.55
N GLY A 149 -2.44 25.85 9.79
CA GLY A 149 -0.97 25.89 9.91
C GLY A 149 -0.45 25.08 11.09
N GLU A 150 -1.26 24.26 11.75
CA GLU A 150 -0.76 23.30 12.77
C GLU A 150 -0.07 22.18 12.01
N HIS A 151 1.15 21.85 12.41
CA HIS A 151 1.96 20.76 11.83
C HIS A 151 2.98 20.35 12.89
N PRO A 152 2.54 19.71 13.96
CA PRO A 152 3.40 19.47 15.12
C PRO A 152 4.74 18.74 14.84
N THR A 153 4.71 17.70 14.03
CA THR A 153 5.88 16.84 13.69
C THR A 153 6.91 17.71 12.97
N GLN A 154 6.50 18.68 12.15
CA GLN A 154 7.49 19.57 11.50
C GLN A 154 8.17 20.44 12.57
N SER A 155 7.44 21.00 13.52
CA SER A 155 8.02 21.83 14.62
C SER A 155 8.95 20.94 15.40
N LEU A 156 8.53 19.73 15.72
CA LEU A 156 9.33 18.82 16.60
C LEU A 156 10.66 18.48 15.89
N LEU A 157 10.66 18.25 14.56
CA LEU A 157 11.85 17.79 13.83
C LEU A 157 12.74 19.02 13.61
N ASP A 158 12.13 20.18 13.33
CA ASP A 158 12.84 21.50 13.31
C ASP A 158 13.62 21.69 14.63
N PHE A 159 12.95 21.47 15.78
CA PHE A 159 13.54 21.72 17.11
C PHE A 159 14.63 20.69 17.36
N TYR A 160 14.36 19.43 17.04
CA TYR A 160 15.35 18.33 17.18
C TYR A 160 16.62 18.71 16.42
N THR A 161 16.46 19.26 15.22
CA THR A 161 17.60 19.60 14.35
C THR A 161 18.43 20.67 15.05
N ILE A 162 17.79 21.77 15.48
CA ILE A 162 18.43 22.89 16.22
C ILE A 162 19.12 22.37 17.49
N HIS A 163 18.43 21.58 18.31
CA HIS A 163 18.98 21.04 19.58
C HIS A 163 20.25 20.19 19.32
N ASN A 164 20.39 19.57 18.15
CA ASN A 164 21.56 18.70 17.88
C ASN A 164 22.83 19.53 17.76
N TYR A 165 22.74 20.76 17.20
CA TYR A 165 23.87 21.69 17.04
C TYR A 165 23.99 22.62 18.25
N PHE A 166 22.89 22.98 18.92
CA PHE A 166 22.87 24.01 20.00
C PHE A 166 22.11 23.48 21.20
N PRO A 167 22.60 22.39 21.85
CA PRO A 167 21.78 21.70 22.86
C PRO A 167 21.50 22.58 24.07
N PHE A 168 22.17 23.73 24.16
CA PHE A 168 21.94 24.71 25.27
C PHE A 168 20.50 25.29 25.19
N ILE A 169 19.74 25.25 24.07
CA ILE A 169 18.33 25.76 24.04
C ILE A 169 17.52 25.15 25.17
N LEU A 170 17.81 23.93 25.61
CA LEU A 170 17.01 23.24 26.64
C LEU A 170 17.29 23.78 28.03
N ASP A 171 18.42 24.47 28.25
CA ASP A 171 18.89 24.80 29.62
C ASP A 171 18.02 25.91 30.24
N ARG A 172 17.45 26.81 29.42
CA ARG A 172 16.82 28.01 29.99
C ARG A 172 17.82 28.67 30.97
N ASN A 173 19.02 28.94 30.47
CA ASN A 173 20.11 29.67 31.12
C ASN A 173 20.15 31.11 30.61
N ILE A 174 20.06 32.11 31.47
CA ILE A 174 19.95 33.52 30.99
C ILE A 174 21.21 33.92 30.17
N ASN A 175 22.33 33.26 30.42
CA ASN A 175 23.64 33.46 29.71
C ASN A 175 23.82 32.70 28.39
N LYS A 176 23.00 31.67 28.10
CA LYS A 176 23.16 30.82 26.89
C LYS A 176 21.89 30.95 26.03
N LYS A 177 21.90 32.01 25.21
CA LYS A 177 20.81 32.50 24.36
C LYS A 177 21.05 32.06 22.92
N LEU A 178 20.01 31.54 22.25
CA LEU A 178 20.08 31.15 20.81
C LEU A 178 19.43 32.24 19.98
N ASN A 179 20.07 32.67 18.91
CA ASN A 179 19.54 33.69 17.98
C ASN A 179 19.19 33.00 16.67
N ILE A 180 17.96 33.17 16.20
CA ILE A 180 17.50 32.52 14.95
C ILE A 180 17.00 33.61 14.02
N ALA A 181 17.37 33.59 12.76
CA ALA A 181 16.77 34.43 11.71
C ALA A 181 15.78 33.55 10.93
N PHE A 182 14.56 34.05 10.77
CA PHE A 182 13.49 33.47 9.95
C PHE A 182 13.39 34.32 8.69
N VAL A 183 13.51 33.71 7.51
CA VAL A 183 13.68 34.46 6.24
C VAL A 183 12.57 34.05 5.26
N GLY A 184 11.86 35.03 4.73
CA GLY A 184 11.10 34.86 3.48
C GLY A 184 9.68 35.29 3.63
N ASP A 185 8.73 34.37 3.50
CA ASP A 185 7.28 34.68 3.65
C ASP A 185 6.84 34.22 5.05
N LEU A 186 6.96 35.14 5.99
CA LEU A 186 6.67 34.91 7.42
C LEU A 186 5.18 35.11 7.69
N LYS A 187 4.45 35.79 6.79
CA LYS A 187 2.96 35.89 6.80
C LYS A 187 2.36 34.49 6.59
N ASN A 188 2.77 33.78 5.55
CA ASN A 188 2.11 32.52 5.10
C ASN A 188 2.89 31.30 5.53
N GLY A 189 4.18 31.43 5.87
CA GLY A 189 5.06 30.31 6.27
C GLY A 189 4.72 29.83 7.67
N ARG A 190 3.76 28.93 7.78
CA ARG A 190 3.09 28.54 9.05
C ARG A 190 4.08 27.71 9.86
N THR A 191 5.09 27.18 9.20
CA THR A 191 6.14 26.39 9.82
C THR A 191 6.98 27.32 10.74
N VAL A 192 7.05 28.60 10.36
CA VAL A 192 7.68 29.67 11.19
C VAL A 192 6.82 29.90 12.43
N HIS A 193 5.50 30.01 12.23
CA HIS A 193 4.52 30.32 13.30
C HIS A 193 4.69 29.25 14.38
N SER A 194 4.67 27.98 14.00
CA SER A 194 4.67 26.85 14.94
C SER A 194 6.02 26.81 15.68
N LEU A 195 7.13 26.92 14.95
CA LEU A 195 8.48 26.74 15.54
C LEU A 195 8.76 27.93 16.47
N SER A 196 8.34 29.13 16.09
CA SER A 196 8.44 30.36 16.93
C SER A 196 7.76 30.10 18.28
N LYS A 197 6.54 29.57 18.25
CA LYS A 197 5.80 29.27 19.50
C LYS A 197 6.63 28.33 20.35
N LEU A 198 7.25 27.32 19.74
CA LEU A 198 8.00 26.30 20.51
C LEU A 198 9.31 26.92 21.00
N LEU A 199 9.99 27.70 20.16
CA LEU A 199 11.33 28.25 20.49
C LEU A 199 11.19 29.29 21.60
N SER A 200 10.10 30.04 21.61
CA SER A 200 9.84 31.13 22.56
C SER A 200 9.64 30.59 23.98
N ARG A 201 9.58 29.27 24.14
CA ARG A 201 9.43 28.57 25.45
C ARG A 201 10.82 28.53 26.08
N TYR A 202 11.84 29.01 25.36
CA TYR A 202 13.27 28.87 25.71
C TYR A 202 13.94 30.25 25.55
N ASN A 203 15.22 30.32 25.90
CA ASN A 203 16.02 31.58 25.84
C ASN A 203 16.47 31.74 24.40
N VAL A 204 15.63 32.40 23.62
CA VAL A 204 15.81 32.58 22.15
C VAL A 204 15.46 34.01 21.75
N SER A 205 16.19 34.53 20.80
CA SER A 205 16.05 35.86 20.18
C SER A 205 15.77 35.62 18.70
N PHE A 206 14.91 36.45 18.12
CA PHE A 206 14.30 36.24 16.79
C PHE A 206 14.60 37.43 15.90
N ASN A 207 15.21 37.19 14.76
CA ASN A 207 15.25 38.13 13.62
C ASN A 207 14.21 37.70 12.57
N PHE A 208 13.26 38.56 12.26
CA PHE A 208 12.26 38.31 11.19
C PHE A 208 12.64 39.08 9.93
N VAL A 209 13.18 38.36 8.94
CA VAL A 209 13.73 38.95 7.69
C VAL A 209 12.71 38.77 6.57
N SER A 210 12.09 39.86 6.13
CA SER A 210 10.97 39.82 5.13
C SER A 210 10.80 41.15 4.42
N CYS A 211 10.19 41.11 3.23
CA CYS A 211 9.70 42.34 2.53
C CYS A 211 8.35 42.62 3.18
N LYS A 212 8.24 43.72 3.92
CA LYS A 212 7.01 44.40 4.42
C LYS A 212 5.71 43.61 4.20
N SER A 213 5.23 43.41 2.96
CA SER A 213 3.93 42.73 2.63
C SER A 213 3.79 41.35 3.29
N LEU A 214 4.91 40.69 3.62
CA LEU A 214 4.96 39.28 4.08
C LEU A 214 5.64 39.18 5.45
N ASN A 215 5.41 40.14 6.37
CA ASN A 215 6.11 40.02 7.67
C ASN A 215 5.35 39.08 8.59
N ILE A 216 6.04 38.64 9.63
CA ILE A 216 5.49 37.82 10.74
C ILE A 216 4.21 38.48 11.26
N PRO A 217 3.11 37.75 11.45
CA PRO A 217 1.87 38.33 11.95
C PRO A 217 1.93 38.77 13.42
N LYS A 218 1.13 39.78 13.79
CA LYS A 218 1.17 40.41 15.13
C LYS A 218 0.87 39.37 16.22
N ASP A 219 -0.06 38.43 16.00
CA ASP A 219 -0.51 37.52 17.08
C ASP A 219 0.64 36.54 17.38
N ILE A 220 1.52 36.21 16.41
CA ILE A 220 2.69 35.32 16.62
C ILE A 220 3.73 36.10 17.47
N VAL A 221 3.98 37.36 17.16
CA VAL A 221 4.88 38.21 17.98
C VAL A 221 4.32 38.31 19.42
N ASN A 222 3.01 38.41 19.57
CA ASN A 222 2.38 38.45 20.91
C ASN A 222 2.64 37.12 21.64
N THR A 223 2.50 36.00 20.94
CA THR A 223 2.72 34.68 21.55
C THR A 223 4.22 34.56 21.94
N ILE A 224 5.11 35.02 21.09
CA ILE A 224 6.57 34.95 21.35
C ILE A 224 6.83 35.74 22.65
N THR A 225 6.29 36.93 22.68
CA THR A 225 6.52 37.89 23.79
C THR A 225 6.00 37.28 25.10
N TYR A 226 4.83 36.64 25.05
CA TYR A 226 4.17 36.06 26.24
C TYR A 226 5.04 34.91 26.76
N ASN A 227 5.54 34.07 25.86
CA ASN A 227 6.32 32.87 26.24
C ASN A 227 7.68 33.31 26.79
N LEU A 228 8.25 34.38 26.24
CA LEU A 228 9.57 34.88 26.70
C LEU A 228 9.37 35.45 28.11
N LYS A 229 8.29 36.21 28.32
CA LYS A 229 8.02 36.84 29.64
C LYS A 229 7.83 35.75 30.69
N LYS A 230 7.15 34.66 30.39
CA LYS A 230 6.82 33.64 31.41
C LYS A 230 8.14 33.10 31.98
N ASN A 231 9.21 32.95 31.17
CA ASN A 231 10.52 32.39 31.63
C ASN A 231 11.58 33.48 31.89
N ASN A 232 11.18 34.74 31.91
CA ASN A 232 12.04 35.93 32.18
C ASN A 232 13.23 35.97 31.22
N PHE A 233 12.94 35.91 29.90
CA PHE A 233 13.91 36.03 28.80
C PHE A 233 13.51 37.15 27.85
N TYR A 234 12.54 37.99 28.22
CA TYR A 234 12.08 39.05 27.28
C TYR A 234 12.92 40.30 27.51
N SER A 235 13.34 40.93 26.40
CA SER A 235 14.06 42.23 26.38
C SER A 235 13.74 42.96 25.07
N ASP A 236 14.26 44.19 24.97
CA ASP A 236 13.98 45.13 23.84
C ASP A 236 14.64 44.51 22.61
N ASP A 237 15.59 43.59 22.84
CA ASP A 237 16.41 42.88 21.80
C ASP A 237 15.84 41.50 21.43
N SER A 238 14.73 41.07 22.04
CA SER A 238 14.19 39.71 21.88
C SER A 238 13.72 39.52 20.44
N ILE A 239 13.16 40.55 19.82
CA ILE A 239 12.54 40.44 18.48
C ILE A 239 12.99 41.61 17.64
N LYS A 240 13.81 41.37 16.60
CA LYS A 240 14.25 42.40 15.63
C LYS A 240 13.60 42.10 14.27
N TYR A 241 13.36 43.12 13.47
CA TYR A 241 12.77 43.06 12.10
C TYR A 241 13.80 43.61 11.10
N PHE A 242 14.07 42.87 10.01
CA PHE A 242 14.93 43.36 8.90
C PHE A 242 14.22 43.15 7.56
N ASP A 243 14.64 43.89 6.54
CA ASP A 243 14.16 43.72 5.15
C ASP A 243 15.32 43.26 4.24
N ASN A 244 16.46 42.86 4.81
CA ASN A 244 17.67 42.51 4.03
C ASN A 244 18.53 41.52 4.81
N LEU A 245 19.27 40.69 4.07
CA LEU A 245 20.04 39.53 4.57
C LEU A 245 21.29 40.01 5.31
N GLU A 246 22.03 40.98 4.76
CA GLU A 246 23.29 41.50 5.37
C GLU A 246 23.07 41.70 6.86
N GLU A 247 22.02 42.44 7.25
CA GLU A 247 21.70 42.75 8.67
C GLU A 247 21.08 41.51 9.32
N GLY A 248 20.02 40.94 8.74
CA GLY A 248 19.27 39.80 9.32
C GLY A 248 20.15 38.61 9.74
N LEU A 249 21.20 38.28 8.97
CA LEU A 249 21.90 36.99 9.11
C LEU A 249 23.10 37.13 10.04
N GLU A 250 23.29 38.33 10.62
CA GLU A 250 24.44 38.66 11.50
C GLU A 250 24.19 38.08 12.89
N ASP A 251 25.17 37.40 13.45
CA ASP A 251 25.16 36.88 14.85
C ASP A 251 23.88 36.07 15.10
N VAL A 252 23.51 35.16 14.18
CA VAL A 252 22.39 34.19 14.38
C VAL A 252 22.95 32.78 14.22
N HIS A 253 22.72 31.91 15.22
CA HIS A 253 23.11 30.48 15.27
C HIS A 253 22.32 29.70 14.21
N ILE A 254 21.08 30.13 13.93
CA ILE A 254 20.17 29.42 13.00
C ILE A 254 19.66 30.38 11.95
N ILE A 255 19.74 29.97 10.69
CA ILE A 255 19.03 30.59 9.53
C ILE A 255 17.96 29.61 9.06
N TYR A 256 16.70 29.95 9.13
CA TYR A 256 15.55 29.11 8.72
C TYR A 256 14.88 29.80 7.54
N MET A 257 15.05 29.26 6.33
CA MET A 257 14.48 29.85 5.08
C MET A 257 13.09 29.26 4.81
N THR A 258 12.30 29.93 3.93
CA THR A 258 10.92 29.55 3.49
C THR A 258 10.69 29.85 1.99
N ASN A 276 15.98 38.46 -6.63
CA ASN A 276 15.22 38.43 -5.35
C ASN A 276 16.18 38.71 -4.18
N ALA A 277 15.61 39.26 -3.10
CA ALA A 277 16.33 39.85 -1.95
C ALA A 277 16.73 38.74 -0.99
N PHE A 278 15.90 37.70 -0.87
CA PHE A 278 16.05 36.64 0.15
C PHE A 278 16.45 35.32 -0.51
N ILE A 279 17.35 35.39 -1.49
CA ILE A 279 18.03 34.20 -2.05
C ILE A 279 19.36 34.01 -1.32
N LEU A 280 19.53 32.85 -0.69
CA LEU A 280 20.72 32.44 0.07
C LEU A 280 21.79 31.87 -0.90
N SER A 281 23.02 32.35 -0.76
CA SER A 281 24.21 31.97 -1.56
C SER A 281 25.44 31.88 -0.64
N ASN A 282 26.55 31.29 -1.11
CA ASN A 282 27.81 31.24 -0.31
C ASN A 282 28.28 32.66 -0.05
N LYS A 283 27.98 33.59 -0.97
CA LYS A 283 28.29 35.03 -0.80
C LYS A 283 27.53 35.55 0.44
N THR A 284 26.20 35.41 0.51
CA THR A 284 25.39 35.97 1.62
C THR A 284 25.78 35.28 2.94
N LEU A 285 26.52 34.17 2.91
CA LEU A 285 26.86 33.42 4.16
C LEU A 285 28.26 33.76 4.71
N GLU A 286 29.06 34.55 4.00
CA GLU A 286 30.44 34.93 4.42
C GLU A 286 30.46 35.60 5.82
N ASN A 287 29.52 36.51 6.13
CA ASN A 287 29.51 37.27 7.41
C ASN A 287 28.39 36.75 8.30
N THR A 288 28.27 35.43 8.35
CA THR A 288 27.50 34.69 9.39
C THR A 288 28.51 34.12 10.37
N ARG A 289 28.05 33.67 11.54
CA ARG A 289 28.92 33.03 12.56
C ARG A 289 29.48 31.76 11.95
N ASP A 290 30.54 31.24 12.56
CA ASP A 290 31.19 30.02 12.02
C ASP A 290 30.25 28.85 12.28
N ASP A 291 29.45 28.91 13.34
CA ASP A 291 28.69 27.75 13.87
C ASP A 291 27.29 27.76 13.26
N THR A 292 26.95 28.73 12.42
CA THR A 292 25.54 28.85 12.00
C THR A 292 25.17 27.62 11.15
N LYS A 293 23.93 27.17 11.34
CA LYS A 293 23.29 26.07 10.62
C LYS A 293 22.06 26.63 9.91
N ILE A 294 21.81 26.14 8.69
CA ILE A 294 20.77 26.60 7.73
C ILE A 294 19.68 25.52 7.64
N LEU A 295 18.46 25.85 8.00
CA LEU A 295 17.29 24.97 7.87
C LEU A 295 16.37 25.53 6.79
N HIS A 296 15.56 24.64 6.24
CA HIS A 296 14.50 24.91 5.24
C HIS A 296 13.57 23.70 5.32
N PRO A 297 12.26 23.88 5.60
CA PRO A 297 11.33 22.76 5.78
C PRO A 297 11.22 21.92 4.49
N LEU A 298 11.50 22.55 3.34
CA LEU A 298 11.51 21.97 1.97
C LEU A 298 10.07 21.68 1.57
N PRO A 299 9.76 21.62 0.25
CA PRO A 299 10.74 21.78 -0.83
C PRO A 299 11.21 23.22 -1.09
N ARG A 300 12.44 23.38 -1.56
CA ARG A 300 13.00 24.67 -2.00
C ARG A 300 12.73 24.87 -3.49
N VAL A 301 12.74 26.11 -3.95
CA VAL A 301 12.67 26.52 -5.38
C VAL A 301 13.98 27.27 -5.65
N ASN A 302 14.05 28.60 -5.50
CA ASN A 302 15.32 29.35 -5.69
C ASN A 302 15.89 29.83 -4.35
N GLU A 303 15.12 29.76 -3.25
CA GLU A 303 15.47 30.40 -1.93
C GLU A 303 16.90 30.06 -1.50
N ILE A 304 17.37 28.85 -1.80
CA ILE A 304 18.76 28.40 -1.49
C ILE A 304 19.32 27.83 -2.78
N LYS A 305 20.37 28.47 -3.29
CA LYS A 305 21.16 28.05 -4.47
C LYS A 305 21.82 26.68 -4.17
N VAL A 306 21.88 25.79 -5.18
CA VAL A 306 22.49 24.43 -5.08
C VAL A 306 23.91 24.54 -4.52
N GLU A 307 24.63 25.64 -4.76
CA GLU A 307 26.03 25.78 -4.30
C GLU A 307 26.09 25.62 -2.77
N VAL A 308 25.04 25.96 -2.05
CA VAL A 308 25.04 26.01 -0.56
C VAL A 308 25.07 24.60 0.02
N ASP A 309 24.48 23.65 -0.71
CA ASP A 309 24.43 22.21 -0.37
C ASP A 309 25.84 21.72 -0.02
N SER A 310 26.88 22.24 -0.65
CA SER A 310 28.31 21.88 -0.40
C SER A 310 28.84 22.57 0.85
N ASN A 311 28.22 23.68 1.25
CA ASN A 311 28.67 24.47 2.41
C ASN A 311 28.32 23.70 3.68
N PRO A 312 29.29 23.39 4.56
CA PRO A 312 29.01 22.64 5.80
C PRO A 312 27.96 23.28 6.72
N LYS A 313 27.64 24.56 6.54
CA LYS A 313 26.54 25.19 7.32
C LYS A 313 25.16 24.66 6.93
N SER A 314 24.99 24.08 5.74
CA SER A 314 23.68 23.59 5.28
C SER A 314 23.33 22.31 6.03
N VAL A 315 22.13 22.22 6.59
CA VAL A 315 21.64 20.98 7.28
C VAL A 315 20.20 20.66 6.86
N TYR A 316 19.65 21.33 5.84
CA TYR A 316 18.23 21.16 5.47
C TYR A 316 17.98 19.69 5.08
N PHE A 317 18.93 18.96 4.48
CA PHE A 317 18.70 17.53 4.09
C PHE A 317 18.84 16.65 5.33
N THR A 318 19.75 16.96 6.24
CA THR A 318 19.80 16.24 7.56
C THR A 318 18.50 16.48 8.33
N GLN A 319 17.96 17.71 8.22
CA GLN A 319 16.70 18.17 8.87
C GLN A 319 15.56 17.22 8.44
N ALA A 320 15.32 17.11 7.13
CA ALA A 320 14.30 16.22 6.53
C ALA A 320 14.52 14.77 7.00
N GLU A 321 15.76 14.33 6.98
CA GLU A 321 16.11 12.99 7.51
C GLU A 321 15.60 12.86 8.96
N ASN A 322 15.84 13.86 9.80
CA ASN A 322 15.51 13.76 11.25
C ASN A 322 14.02 13.54 11.46
N GLY A 323 13.21 13.94 10.48
CA GLY A 323 11.77 13.67 10.48
C GLY A 323 11.45 12.19 10.65
N LEU A 324 12.27 11.30 10.07
CA LEU A 324 12.09 9.85 10.26
C LEU A 324 12.19 9.57 11.77
N TYR A 325 13.23 10.06 12.42
CA TYR A 325 13.56 9.66 13.79
C TYR A 325 12.56 10.27 14.74
N VAL A 326 12.13 11.48 14.47
CA VAL A 326 11.15 12.17 15.36
C VAL A 326 9.77 11.49 15.25
N ARG A 327 9.32 11.13 14.03
CA ARG A 327 8.00 10.49 13.81
C ARG A 327 8.03 9.08 14.41
N MET A 328 9.14 8.36 14.30
CA MET A 328 9.29 7.04 15.00
C MET A 328 9.17 7.26 16.51
N ALA A 329 9.86 8.25 17.06
CA ALA A 329 9.84 8.48 18.52
C ALA A 329 8.40 8.78 18.97
N LEU A 330 7.77 9.71 18.28
CA LEU A 330 6.43 10.14 18.69
C LEU A 330 5.48 8.92 18.63
N LEU A 331 5.51 8.11 17.57
CA LEU A 331 4.62 6.92 17.45
C LEU A 331 4.93 5.94 18.57
N TYR A 332 6.21 5.75 18.86
CA TYR A 332 6.66 4.82 19.93
C TYR A 332 6.06 5.25 21.27
N LEU A 333 6.18 6.52 21.62
CA LEU A 333 5.83 7.04 22.98
C LEU A 333 4.30 7.02 23.15
N ILE A 334 3.57 7.26 22.07
CA ILE A 334 2.08 7.34 22.10
C ILE A 334 1.45 5.94 22.08
N PHE A 335 1.92 5.06 21.20
CA PHE A 335 1.20 3.80 20.86
C PHE A 335 1.79 2.59 21.59
N SER A 336 2.96 2.71 22.18
CA SER A 336 3.60 1.59 22.89
C SER A 336 2.69 1.19 24.04
N SER A 337 2.57 -0.09 24.32
CA SER A 337 1.84 -0.61 25.50
C SER A 337 2.81 -1.26 26.49
N THR A 338 3.69 -0.47 27.13
CA THR A 338 4.69 -0.96 28.14
C THR A 338 4.03 -0.91 29.52
N SER A 343 13.84 -2.36 27.75
CA SER A 343 12.83 -2.59 26.69
C SER A 343 12.61 -1.31 25.84
N HIS A 344 12.88 -0.12 26.37
CA HIS A 344 12.94 1.15 25.58
C HIS A 344 14.17 1.14 24.68
N PRO A 345 14.16 1.91 23.58
CA PRO A 345 15.37 2.13 22.79
C PRO A 345 16.54 2.77 23.57
N GLN A 346 17.76 2.25 23.39
CA GLN A 346 19.00 2.78 24.02
C GLN A 346 20.26 2.37 23.23
N PHE A 347 21.21 3.28 22.99
CA PHE A 347 22.62 3.03 22.56
C PHE A 347 22.67 2.41 21.15
N PHE B 2 26.92 -24.71 -3.57
CA PHE B 2 25.90 -24.11 -4.53
C PHE B 2 26.32 -24.34 -6.02
N TYR B 3 25.55 -25.15 -6.75
CA TYR B 3 25.77 -25.46 -8.20
C TYR B 3 24.51 -25.09 -8.99
N ILE B 4 24.72 -24.68 -10.22
CA ILE B 4 23.65 -24.50 -11.23
C ILE B 4 24.07 -25.37 -12.41
N ASN B 5 23.12 -26.15 -12.97
CA ASN B 5 23.36 -27.13 -14.06
C ASN B 5 24.41 -28.19 -13.66
N SER B 6 24.87 -28.23 -12.39
CA SER B 6 25.89 -29.17 -11.86
C SER B 6 27.31 -28.86 -12.40
N LYS B 7 27.41 -28.03 -13.45
CA LYS B 7 28.70 -27.63 -14.07
C LYS B 7 29.33 -26.46 -13.30
N TYR B 8 28.56 -25.39 -12.97
CA TYR B 8 29.08 -24.04 -12.55
C TYR B 8 28.88 -23.89 -11.05
N LYS B 9 29.96 -23.81 -10.28
CA LYS B 9 29.91 -23.55 -8.80
C LYS B 9 29.73 -22.03 -8.61
N ILE B 10 28.79 -21.64 -7.74
CA ILE B 10 28.46 -20.23 -7.37
C ILE B 10 28.89 -20.00 -5.92
N ASP B 11 29.86 -19.12 -5.71
CA ASP B 11 30.24 -18.59 -4.37
C ASP B 11 29.30 -17.40 -4.13
N LEU B 12 28.10 -17.73 -3.66
CA LEU B 12 27.02 -16.77 -3.33
C LEU B 12 27.56 -15.77 -2.29
N ASP B 13 28.32 -16.24 -1.30
CA ASP B 13 28.99 -15.34 -0.32
C ASP B 13 29.83 -14.31 -1.10
N LYS B 14 30.75 -14.73 -1.99
CA LYS B 14 31.62 -13.80 -2.78
C LYS B 14 30.73 -12.86 -3.58
N ILE B 15 29.77 -13.42 -4.32
CA ILE B 15 28.97 -12.68 -5.32
C ILE B 15 28.06 -11.65 -4.62
N MET B 16 27.61 -11.97 -3.41
CA MET B 16 26.78 -11.03 -2.62
C MET B 16 27.64 -9.86 -2.14
N THR B 17 28.81 -10.11 -1.57
CA THR B 17 29.77 -9.05 -1.21
C THR B 17 29.92 -8.06 -2.37
N LYS B 18 29.92 -8.57 -3.60
CA LYS B 18 30.10 -7.76 -4.83
C LYS B 18 28.80 -7.03 -5.18
N MET B 19 27.62 -7.66 -5.05
CA MET B 19 26.33 -7.05 -5.44
C MET B 19 25.77 -6.18 -4.32
N LYS B 20 26.26 -6.25 -3.09
CA LYS B 20 25.64 -5.51 -1.96
C LYS B 20 25.49 -4.04 -2.40
N ASN B 21 24.27 -3.51 -2.31
CA ASN B 21 23.99 -2.08 -2.55
C ASN B 21 24.32 -1.63 -3.99
N LYS B 22 24.30 -2.56 -4.91
CA LYS B 22 24.40 -2.30 -6.35
C LYS B 22 23.05 -1.73 -6.81
N SER B 23 23.07 -0.68 -7.61
CA SER B 23 21.91 -0.25 -8.38
C SER B 23 21.87 -1.06 -9.68
N VAL B 24 20.69 -1.38 -10.17
CA VAL B 24 20.51 -2.14 -11.43
C VAL B 24 19.57 -1.33 -12.31
N ILE B 25 20.15 -0.67 -13.30
CA ILE B 25 19.47 0.30 -14.19
C ILE B 25 19.28 -0.35 -15.57
N ASN B 26 20.29 -1.10 -15.99
CA ASN B 26 20.56 -1.59 -17.37
C ASN B 26 20.98 -3.06 -17.22
N ILE B 27 20.62 -3.94 -18.14
CA ILE B 27 21.09 -5.36 -18.10
C ILE B 27 22.63 -5.42 -18.17
N ASP B 28 23.32 -4.41 -18.73
CA ASP B 28 24.80 -4.37 -18.74
C ASP B 28 25.35 -4.16 -17.32
N ASP B 29 24.55 -3.86 -16.32
CA ASP B 29 25.04 -3.71 -14.94
C ASP B 29 25.18 -5.10 -14.32
N VAL B 30 24.78 -6.15 -15.03
CA VAL B 30 24.82 -7.55 -14.53
C VAL B 30 25.87 -8.31 -15.33
N ASP B 31 26.89 -8.85 -14.68
CA ASP B 31 27.97 -9.60 -15.36
C ASP B 31 27.70 -11.09 -15.23
N ASP B 32 28.59 -11.93 -15.74
CA ASP B 32 28.42 -13.40 -15.86
C ASP B 32 28.18 -14.01 -14.47
N GLU B 33 29.08 -13.78 -13.51
CA GLU B 33 29.00 -14.29 -12.11
C GLU B 33 27.65 -13.87 -11.51
N GLU B 34 27.22 -12.64 -11.79
CA GLU B 34 26.03 -12.04 -11.16
C GLU B 34 24.82 -12.70 -11.79
N LEU B 35 24.91 -12.98 -13.09
CA LEU B 35 23.78 -13.63 -13.79
C LEU B 35 23.62 -15.03 -13.20
N LEU B 36 24.71 -15.77 -13.03
CA LEU B 36 24.66 -17.11 -12.42
C LEU B 36 24.00 -16.99 -11.02
N ALA B 37 24.43 -16.02 -10.21
CA ALA B 37 23.90 -15.92 -8.83
C ALA B 37 22.38 -15.68 -8.89
N ILE B 38 21.93 -14.80 -9.80
CA ILE B 38 20.51 -14.43 -10.00
C ILE B 38 19.75 -15.70 -10.40
N LEU B 39 20.29 -16.51 -11.31
CA LEU B 39 19.59 -17.68 -11.88
C LEU B 39 19.53 -18.74 -10.78
N TYR B 40 20.60 -18.96 -10.06
CA TYR B 40 20.64 -20.00 -9.00
C TYR B 40 19.60 -19.63 -7.93
N THR B 41 19.61 -18.36 -7.50
CA THR B 41 18.83 -17.89 -6.33
C THR B 41 17.33 -17.85 -6.73
N SER B 42 17.04 -17.39 -7.97
CA SER B 42 15.69 -17.41 -8.56
C SER B 42 15.11 -18.83 -8.48
N LYS B 43 15.90 -19.83 -8.87
CA LYS B 43 15.46 -21.25 -8.92
C LYS B 43 15.16 -21.73 -7.50
N GLN B 44 15.95 -21.33 -6.53
CA GLN B 44 15.67 -21.72 -5.13
C GLN B 44 14.30 -21.14 -4.72
N PHE B 45 14.03 -19.86 -5.00
CA PHE B 45 12.74 -19.24 -4.61
C PHE B 45 11.63 -19.96 -5.37
N GLU B 46 11.83 -20.29 -6.65
CA GLU B 46 10.77 -21.03 -7.36
C GLU B 46 10.43 -22.33 -6.58
N LYS B 47 11.42 -23.10 -6.13
CA LYS B 47 11.15 -24.42 -5.55
C LYS B 47 10.59 -24.24 -4.15
N ILE B 48 11.09 -23.24 -3.44
CA ILE B 48 10.64 -22.97 -2.05
C ILE B 48 9.16 -22.57 -2.11
N LEU B 49 8.77 -21.68 -3.01
CA LEU B 49 7.37 -21.18 -3.08
C LEU B 49 6.44 -22.29 -3.59
N LYS B 50 6.84 -23.04 -4.61
CA LYS B 50 5.99 -24.13 -5.15
C LYS B 50 5.78 -25.20 -4.08
N ASN B 51 6.74 -25.39 -3.16
CA ASN B 51 6.61 -26.37 -2.04
C ASN B 51 6.06 -25.72 -0.77
N ASN B 52 5.49 -24.53 -0.87
CA ASN B 52 4.87 -23.79 0.26
C ASN B 52 5.80 -23.69 1.45
N GLU B 53 7.08 -23.45 1.26
CA GLU B 53 7.98 -23.28 2.42
C GLU B 53 8.13 -21.79 2.66
N ASP B 54 8.68 -21.49 3.84
CA ASP B 54 9.09 -20.15 4.30
C ASP B 54 9.99 -19.47 3.25
N SER B 55 9.58 -18.28 2.82
CA SER B 55 10.22 -17.45 1.76
C SER B 55 10.90 -16.23 2.37
N LYS B 56 10.90 -16.11 3.68
CA LYS B 56 11.29 -14.87 4.37
C LYS B 56 12.82 -14.77 4.48
N TYR B 57 13.53 -14.62 3.38
CA TYR B 57 15.01 -14.59 3.34
C TYR B 57 15.56 -13.16 3.46
N LEU B 58 14.70 -12.15 3.50
CA LEU B 58 15.07 -10.73 3.69
C LEU B 58 13.94 -9.95 4.40
N GLU B 59 14.01 -9.84 5.73
CA GLU B 59 12.89 -9.46 6.61
C GLU B 59 12.89 -8.00 7.08
N ASN B 60 14.03 -7.39 7.34
CA ASN B 60 13.97 -6.15 8.14
C ASN B 60 14.16 -4.92 7.27
N LYS B 61 13.81 -4.99 6.02
CA LYS B 61 14.07 -3.90 5.05
C LYS B 61 12.77 -3.16 4.79
N VAL B 62 12.90 -1.92 4.38
CA VAL B 62 11.73 -1.05 4.05
C VAL B 62 12.08 -0.41 2.73
N PHE B 63 11.27 -0.66 1.71
CA PHE B 63 11.52 -0.15 0.34
C PHE B 63 10.50 0.93 0.06
N CYS B 64 10.81 1.75 -0.92
CA CYS B 64 9.85 2.68 -1.57
C CYS B 64 9.75 2.28 -3.03
N SER B 65 8.54 2.12 -3.52
CA SER B 65 8.24 1.79 -4.93
C SER B 65 7.55 3.03 -5.50
N VAL B 66 8.18 3.67 -6.46
CA VAL B 66 7.75 4.92 -7.14
C VAL B 66 7.49 4.55 -8.60
N PHE B 67 6.22 4.53 -8.99
CA PHE B 67 5.78 4.19 -10.37
C PHE B 67 5.07 5.42 -10.90
N LEU B 68 5.72 6.16 -11.78
CA LEU B 68 5.24 7.47 -12.29
C LEU B 68 4.58 7.29 -13.67
N GLU B 69 4.25 6.05 -14.02
CA GLU B 69 3.24 5.68 -15.02
C GLU B 69 2.57 4.40 -14.52
N PRO B 70 1.33 4.13 -14.96
CA PRO B 70 0.66 2.89 -14.60
C PRO B 70 1.51 1.74 -15.18
N SER B 71 1.96 0.80 -14.36
CA SER B 71 2.48 -0.49 -14.86
C SER B 71 2.21 -1.51 -13.76
N THR B 72 0.91 -1.72 -13.54
CA THR B 72 0.33 -2.53 -12.46
C THR B 72 0.95 -3.94 -12.46
N ARG B 73 1.10 -4.65 -13.58
CA ARG B 73 1.69 -6.02 -13.51
C ARG B 73 3.08 -5.95 -12.87
N THR B 74 3.94 -5.02 -13.32
CA THR B 74 5.36 -4.96 -12.88
C THR B 74 5.37 -4.48 -11.42
N ARG B 75 4.59 -3.47 -11.10
CA ARG B 75 4.56 -2.94 -9.72
C ARG B 75 4.11 -4.04 -8.74
N CYS B 76 3.05 -4.76 -9.05
CA CYS B 76 2.50 -5.82 -8.18
C CYS B 76 3.54 -6.92 -8.01
N SER B 77 4.26 -7.22 -9.06
CA SER B 77 5.31 -8.27 -9.02
C SER B 77 6.40 -7.86 -8.03
N PHE B 78 6.84 -6.63 -8.12
CA PHE B 78 7.86 -6.12 -7.18
C PHE B 78 7.32 -6.06 -5.75
N ASP B 79 6.08 -5.56 -5.55
CA ASP B 79 5.46 -5.52 -4.20
C ASP B 79 5.42 -6.94 -3.62
N ALA B 80 4.99 -7.87 -4.44
CA ALA B 80 4.79 -9.27 -4.03
C ALA B 80 6.14 -9.84 -3.60
N ALA B 81 7.18 -9.51 -4.36
CA ALA B 81 8.55 -10.02 -4.11
C ALA B 81 9.03 -9.51 -2.75
N ILE B 82 8.89 -8.21 -2.52
CA ILE B 82 9.29 -7.58 -1.24
C ILE B 82 8.52 -8.24 -0.09
N LEU B 83 7.23 -8.37 -0.23
CA LEU B 83 6.38 -8.84 0.89
C LEU B 83 6.64 -10.33 1.15
N LYS B 84 6.80 -11.11 0.11
CA LYS B 84 7.07 -12.57 0.21
C LYS B 84 8.43 -12.78 0.90
N LEU B 85 9.41 -11.91 0.66
CA LEU B 85 10.77 -11.98 1.27
C LEU B 85 10.66 -11.63 2.77
N GLY B 86 9.59 -10.95 3.19
CA GLY B 86 9.32 -10.61 4.59
C GLY B 86 9.55 -9.15 4.89
N SER B 87 9.92 -8.35 3.89
CA SER B 87 10.20 -6.90 4.07
C SER B 87 8.92 -6.08 3.86
N LYS B 88 9.03 -4.76 3.91
CA LYS B 88 7.85 -3.88 3.83
C LYS B 88 8.08 -2.84 2.74
N VAL B 89 7.02 -2.29 2.19
CA VAL B 89 7.14 -1.28 1.12
C VAL B 89 6.09 -0.18 1.30
N LEU B 90 6.54 1.03 0.99
CA LEU B 90 5.65 2.21 0.83
C LEU B 90 5.62 2.55 -0.65
N ASN B 91 4.41 2.79 -1.15
CA ASN B 91 4.08 2.87 -2.60
C ASN B 91 3.74 4.31 -2.97
N ILE B 92 4.29 4.77 -4.09
CA ILE B 92 3.82 5.98 -4.81
C ILE B 92 3.39 5.49 -6.19
N THR B 93 2.09 5.57 -6.50
CA THR B 93 1.44 5.15 -7.77
C THR B 93 0.56 6.30 -8.24
N ASP B 94 -0.39 6.06 -9.15
CA ASP B 94 -1.47 7.00 -9.62
C ASP B 94 -0.92 8.44 -9.73
N MET B 95 0.39 8.57 -9.92
CA MET B 95 1.10 9.84 -10.17
C MET B 95 1.76 9.71 -11.55
N ASN B 96 2.15 10.85 -12.12
CA ASN B 96 3.08 11.00 -13.27
C ASN B 96 4.25 11.89 -12.81
N SER B 97 5.26 12.01 -13.66
CA SER B 97 6.48 12.80 -13.42
C SER B 97 6.11 14.20 -12.87
N THR B 98 5.26 14.95 -13.56
CA THR B 98 5.04 16.40 -13.24
C THR B 98 4.26 16.55 -11.91
N SER B 99 3.29 15.67 -11.62
CA SER B 99 2.44 15.75 -10.39
C SER B 99 3.21 15.23 -9.17
N PHE B 100 4.21 14.36 -9.37
CA PHE B 100 5.05 13.83 -8.26
C PHE B 100 6.14 14.84 -7.87
N TYR B 101 6.74 15.54 -8.84
CA TYR B 101 7.83 16.55 -8.68
C TYR B 101 7.27 17.99 -8.73
N LYS B 102 5.99 18.18 -8.43
CA LYS B 102 5.35 19.50 -8.14
C LYS B 102 6.42 20.60 -7.96
N GLY B 103 7.12 21.01 -9.02
CA GLY B 103 8.12 22.08 -8.91
C GLY B 103 9.48 21.59 -8.43
N GLU B 104 9.53 20.68 -7.45
CA GLU B 104 10.80 20.23 -6.81
C GLU B 104 11.68 19.47 -7.82
N THR B 105 13.00 19.61 -7.72
CA THR B 105 14.02 18.91 -8.55
C THR B 105 14.01 17.41 -8.24
N VAL B 106 14.40 16.61 -9.19
CA VAL B 106 14.46 15.13 -9.02
C VAL B 106 15.58 14.86 -8.01
N GLU B 107 16.63 15.69 -8.05
CA GLU B 107 17.82 15.55 -7.15
C GLU B 107 17.37 15.67 -5.68
N ASP B 108 16.61 16.73 -5.37
CA ASP B 108 16.14 17.00 -3.99
C ASP B 108 15.23 15.84 -3.59
N ALA B 109 14.35 15.41 -4.48
CA ALA B 109 13.31 14.42 -4.09
C ALA B 109 13.99 13.10 -3.69
N PHE B 110 14.99 12.66 -4.47
CA PHE B 110 15.64 11.36 -4.26
C PHE B 110 16.65 11.49 -3.12
N LYS B 111 17.22 12.66 -2.94
CA LYS B 111 18.19 12.84 -1.85
C LYS B 111 17.43 12.59 -0.54
N ILE B 112 16.23 13.14 -0.43
CA ILE B 112 15.43 13.08 0.81
C ILE B 112 14.83 11.68 0.96
N LEU B 113 14.15 11.19 -0.06
CA LEU B 113 13.43 9.90 0.00
C LEU B 113 14.42 8.78 0.36
N SER B 114 15.66 8.84 -0.12
CA SER B 114 16.67 7.80 0.16
C SER B 114 17.10 7.82 1.62
N THR B 115 16.81 8.86 2.39
CA THR B 115 17.11 8.86 3.85
C THR B 115 16.06 8.01 4.60
N TYR B 116 14.87 7.79 4.02
CA TYR B 116 13.71 7.14 4.69
C TYR B 116 13.76 5.61 4.56
N VAL B 117 14.41 5.09 3.54
CA VAL B 117 14.24 3.67 3.11
C VAL B 117 15.60 3.01 2.84
N ASP B 118 15.60 1.69 2.70
CA ASP B 118 16.81 0.88 2.38
C ASP B 118 17.05 0.81 0.88
N GLY B 119 16.02 1.02 0.06
CA GLY B 119 16.09 0.79 -1.40
C GLY B 119 14.90 1.38 -2.12
N ILE B 120 15.03 1.73 -3.39
CA ILE B 120 13.91 2.29 -4.17
C ILE B 120 13.74 1.49 -5.44
N ILE B 121 12.49 1.09 -5.71
CA ILE B 121 12.04 0.59 -7.03
C ILE B 121 11.43 1.79 -7.80
N TYR B 122 11.95 2.09 -8.98
CA TYR B 122 11.61 3.31 -9.75
C TYR B 122 11.26 2.91 -11.18
N ARG B 123 10.05 3.27 -11.55
CA ARG B 123 9.53 3.25 -12.93
C ARG B 123 9.14 4.67 -13.35
N ASP B 124 9.73 5.17 -14.43
CA ASP B 124 9.44 6.51 -14.99
C ASP B 124 9.68 6.48 -16.50
N PRO B 125 8.72 6.90 -17.33
CA PRO B 125 8.94 6.92 -18.79
C PRO B 125 10.13 7.83 -19.19
N SER B 126 10.46 8.88 -18.45
CA SER B 126 11.68 9.70 -18.69
C SER B 126 13.00 8.89 -18.58
N LYS B 127 13.95 9.00 -19.51
CA LYS B 127 15.26 8.33 -19.19
C LYS B 127 16.13 9.22 -18.30
N LYS B 128 16.07 10.53 -18.53
CA LYS B 128 16.85 11.53 -17.75
C LYS B 128 16.63 11.23 -16.26
N ASN B 129 15.39 10.99 -15.83
CA ASN B 129 15.02 10.94 -14.39
C ASN B 129 15.64 9.74 -13.67
N VAL B 130 15.63 8.55 -14.25
CA VAL B 130 16.17 7.36 -13.53
C VAL B 130 17.66 7.61 -13.28
N ASP B 131 18.37 8.22 -14.22
CA ASP B 131 19.82 8.47 -14.02
C ASP B 131 20.01 9.56 -12.99
N ILE B 132 19.20 10.60 -12.98
CA ILE B 132 19.32 11.68 -11.95
C ILE B 132 19.04 11.06 -10.57
N ALA B 133 18.03 10.21 -10.48
CA ALA B 133 17.70 9.49 -9.23
C ALA B 133 18.93 8.72 -8.78
N VAL B 134 19.63 8.04 -9.68
CA VAL B 134 20.80 7.23 -9.26
C VAL B 134 21.90 8.16 -8.74
N SER B 135 22.16 9.30 -9.36
CA SER B 135 23.19 10.26 -8.90
C SER B 135 22.85 10.78 -7.50
N SER B 136 21.58 11.06 -7.24
CA SER B 136 21.14 11.80 -6.01
C SER B 136 20.91 10.85 -4.85
N SER B 137 20.57 9.59 -5.11
CA SER B 137 20.06 8.65 -4.07
C SER B 137 21.24 8.18 -3.25
N SER B 138 21.15 8.19 -1.92
CA SER B 138 22.11 7.52 -1.02
C SER B 138 21.84 6.01 -0.95
N LYS B 139 20.86 5.47 -1.70
CA LYS B 139 20.47 4.05 -1.58
C LYS B 139 20.34 3.43 -2.97
N PRO B 140 20.46 2.10 -3.07
CA PRO B 140 20.34 1.43 -4.34
C PRO B 140 18.96 1.64 -4.99
N ILE B 141 18.96 1.84 -6.28
CA ILE B 141 17.74 1.92 -7.12
C ILE B 141 17.67 0.70 -8.05
N ILE B 142 16.49 0.09 -8.14
CA ILE B 142 16.17 -0.87 -9.21
C ILE B 142 15.19 -0.23 -10.19
N ASN B 143 15.66 -0.01 -11.40
CA ASN B 143 14.85 0.44 -12.54
C ASN B 143 13.84 -0.66 -12.88
N ALA B 144 12.57 -0.33 -12.80
CA ALA B 144 11.44 -1.20 -13.15
C ALA B 144 10.91 -0.82 -14.54
N GLY B 145 11.62 0.05 -15.26
CA GLY B 145 11.34 0.39 -16.67
C GLY B 145 11.39 1.87 -16.91
N ASN B 146 12.04 2.29 -17.99
CA ASN B 146 12.05 3.72 -18.44
C ASN B 146 11.91 3.82 -19.97
N GLY B 147 11.92 5.07 -20.47
CA GLY B 147 11.75 5.48 -21.89
C GLY B 147 12.77 4.89 -22.85
N THR B 148 14.07 4.85 -22.47
CA THR B 148 15.14 4.26 -23.33
C THR B 148 14.93 2.76 -23.51
N GLY B 149 13.89 2.17 -22.92
CA GLY B 149 13.68 0.73 -23.03
C GLY B 149 14.60 -0.08 -22.11
N GLU B 150 15.26 0.54 -21.13
CA GLU B 150 15.98 -0.24 -20.08
C GLU B 150 14.92 -0.78 -19.16
N HIS B 151 14.93 -2.10 -18.96
CA HIS B 151 14.01 -2.83 -18.06
C HIS B 151 14.72 -4.10 -17.66
N PRO B 152 15.78 -4.02 -16.84
CA PRO B 152 16.62 -5.17 -16.55
C PRO B 152 15.89 -6.41 -16.01
N THR B 153 14.94 -6.24 -15.09
CA THR B 153 14.16 -7.37 -14.50
C THR B 153 13.38 -8.11 -15.59
N GLN B 154 12.88 -7.42 -16.61
CA GLN B 154 12.20 -8.13 -17.74
C GLN B 154 13.23 -8.96 -18.52
N SER B 155 14.40 -8.43 -18.82
CA SER B 155 15.50 -9.17 -19.51
C SER B 155 15.86 -10.37 -18.66
N LEU B 156 16.03 -10.18 -17.34
CA LEU B 156 16.50 -11.25 -16.45
C LEU B 156 15.44 -12.37 -16.39
N LEU B 157 14.16 -12.04 -16.38
CA LEU B 157 13.10 -13.08 -16.19
C LEU B 157 12.91 -13.77 -17.54
N ASP B 158 12.99 -13.02 -18.64
CA ASP B 158 13.04 -13.59 -20.01
C ASP B 158 14.17 -14.64 -20.08
N PHE B 159 15.37 -14.29 -19.63
CA PHE B 159 16.56 -15.17 -19.70
C PHE B 159 16.36 -16.39 -18.81
N TYR B 160 15.88 -16.16 -17.58
CA TYR B 160 15.60 -17.25 -16.61
C TYR B 160 14.65 -18.26 -17.28
N THR B 161 13.67 -17.75 -18.01
CA THR B 161 12.60 -18.60 -18.58
C THR B 161 13.25 -19.49 -19.65
N ILE B 162 13.99 -18.89 -20.56
CA ILE B 162 14.77 -19.58 -21.63
C ILE B 162 15.72 -20.62 -21.02
N HIS B 163 16.51 -20.24 -20.02
CA HIS B 163 17.55 -21.13 -19.41
C HIS B 163 16.87 -22.35 -18.77
N ASN B 164 15.61 -22.24 -18.37
CA ASN B 164 14.91 -23.37 -17.71
C ASN B 164 14.67 -24.48 -18.72
N TYR B 165 14.38 -24.14 -19.97
CA TYR B 165 14.10 -25.14 -21.06
C TYR B 165 15.41 -25.49 -21.80
N PHE B 166 16.37 -24.57 -21.92
CA PHE B 166 17.58 -24.74 -22.77
C PHE B 166 18.81 -24.32 -21.97
N PRO B 167 19.14 -25.04 -20.88
CA PRO B 167 20.15 -24.56 -19.94
C PRO B 167 21.54 -24.46 -20.57
N PHE B 168 21.72 -25.03 -21.75
CA PHE B 168 22.98 -24.98 -22.53
C PHE B 168 23.30 -23.55 -22.96
N ILE B 169 22.39 -22.54 -22.97
CA ILE B 169 22.76 -21.13 -23.35
C ILE B 169 23.96 -20.69 -22.53
N LEU B 170 24.07 -21.13 -21.27
CA LEU B 170 25.13 -20.67 -20.35
C LEU B 170 26.50 -21.26 -20.71
N ASP B 171 26.55 -22.36 -21.46
CA ASP B 171 27.82 -23.10 -21.68
C ASP B 171 28.76 -22.38 -22.64
N ARG B 172 28.29 -21.52 -23.53
CA ARG B 172 29.21 -20.96 -24.55
C ARG B 172 29.99 -22.11 -25.21
N ASN B 173 29.28 -23.13 -25.68
CA ASN B 173 29.82 -24.33 -26.39
C ASN B 173 29.58 -24.16 -27.89
N ILE B 174 30.59 -24.22 -28.72
CA ILE B 174 30.41 -23.90 -30.17
C ILE B 174 29.39 -24.89 -30.81
N ASN B 175 29.24 -26.07 -30.20
CA ASN B 175 28.33 -27.17 -30.62
C ASN B 175 26.89 -27.03 -30.10
N LYS B 176 26.61 -26.19 -29.11
CA LYS B 176 25.27 -26.08 -28.46
C LYS B 176 24.77 -24.63 -28.59
N LYS B 177 24.18 -24.33 -29.74
CA LYS B 177 23.72 -23.01 -30.23
C LYS B 177 22.20 -22.90 -30.02
N LEU B 178 21.70 -21.79 -29.47
CA LEU B 178 20.26 -21.55 -29.30
C LEU B 178 19.80 -20.62 -30.41
N ASN B 179 18.69 -20.94 -31.05
CA ASN B 179 18.10 -20.14 -32.13
C ASN B 179 16.81 -19.56 -31.62
N ILE B 180 16.66 -18.23 -31.72
CA ILE B 180 15.46 -17.54 -31.17
C ILE B 180 14.85 -16.75 -32.31
N ALA B 181 13.55 -16.82 -32.52
CA ALA B 181 12.84 -15.88 -33.41
C ALA B 181 12.19 -14.79 -32.53
N PHE B 182 12.40 -13.54 -32.92
CA PHE B 182 11.77 -12.33 -32.34
C PHE B 182 10.73 -11.87 -33.35
N VAL B 183 9.48 -11.78 -32.96
CA VAL B 183 8.34 -11.62 -33.92
C VAL B 183 7.54 -10.37 -33.56
N GLY B 184 7.34 -9.48 -34.53
CA GLY B 184 6.28 -8.47 -34.52
C GLY B 184 6.82 -7.07 -34.70
N ASP B 185 6.74 -6.22 -33.67
CA ASP B 185 7.22 -4.82 -33.74
C ASP B 185 8.56 -4.77 -33.00
N LEU B 186 9.62 -4.97 -33.78
CA LEU B 186 11.01 -5.07 -33.27
C LEU B 186 11.62 -3.66 -33.19
N LYS B 187 11.02 -2.66 -33.85
CA LYS B 187 11.38 -1.22 -33.69
C LYS B 187 11.03 -0.76 -32.29
N ASN B 188 9.80 -1.00 -31.84
CA ASN B 188 9.26 -0.40 -30.58
C ASN B 188 9.26 -1.43 -29.43
N GLY B 189 9.43 -2.73 -29.71
CA GLY B 189 9.50 -3.77 -28.66
C GLY B 189 10.86 -3.77 -27.96
N ARG B 190 11.02 -2.91 -26.96
CA ARG B 190 12.34 -2.59 -26.39
C ARG B 190 12.77 -3.78 -25.54
N THR B 191 11.82 -4.61 -25.21
CA THR B 191 12.04 -5.85 -24.44
C THR B 191 12.92 -6.79 -25.29
N VAL B 192 12.78 -6.71 -26.61
CA VAL B 192 13.59 -7.44 -27.60
C VAL B 192 15.02 -6.89 -27.57
N HIS B 193 15.14 -5.55 -27.59
CA HIS B 193 16.43 -4.84 -27.62
C HIS B 193 17.26 -5.31 -26.42
N SER B 194 16.68 -5.28 -25.23
CA SER B 194 17.43 -5.59 -24.00
C SER B 194 17.83 -7.09 -24.00
N LEU B 195 16.90 -7.97 -24.30
CA LEU B 195 17.12 -9.44 -24.17
C LEU B 195 18.17 -9.85 -25.24
N SER B 196 18.08 -9.31 -26.46
CA SER B 196 19.06 -9.50 -27.55
C SER B 196 20.47 -9.16 -27.04
N LYS B 197 20.65 -8.00 -26.41
CA LYS B 197 21.95 -7.61 -25.82
C LYS B 197 22.42 -8.72 -24.87
N LEU B 198 21.55 -9.25 -24.03
CA LEU B 198 21.96 -10.25 -23.02
C LEU B 198 22.23 -11.58 -23.73
N LEU B 199 21.40 -11.99 -24.70
CA LEU B 199 21.52 -13.29 -25.38
C LEU B 199 22.81 -13.29 -26.23
N SER B 200 23.20 -12.15 -26.80
CA SER B 200 24.38 -12.02 -27.67
C SER B 200 25.71 -12.25 -26.91
N ARG B 201 25.64 -12.38 -25.59
CA ARG B 201 26.77 -12.68 -24.68
C ARG B 201 26.99 -14.18 -24.74
N TYR B 202 26.15 -14.92 -25.47
CA TYR B 202 26.13 -16.40 -25.52
C TYR B 202 26.07 -16.86 -27.01
N ASN B 203 26.09 -18.18 -27.20
CA ASN B 203 26.09 -18.82 -28.54
C ASN B 203 24.64 -18.88 -28.99
N VAL B 204 24.23 -17.81 -29.65
CA VAL B 204 22.82 -17.59 -30.02
C VAL B 204 22.76 -17.07 -31.46
N SER B 205 21.77 -17.54 -32.20
CA SER B 205 21.40 -17.12 -33.56
C SER B 205 19.99 -16.52 -33.49
N PHE B 206 19.75 -15.48 -34.26
CA PHE B 206 18.57 -14.60 -34.16
C PHE B 206 17.84 -14.59 -35.50
N ASN B 207 16.56 -14.94 -35.49
CA ASN B 207 15.62 -14.61 -36.57
C ASN B 207 14.79 -13.37 -36.18
N PHE B 208 14.87 -12.29 -36.96
CA PHE B 208 14.06 -11.07 -36.75
C PHE B 208 12.89 -11.07 -37.76
N VAL B 209 11.70 -11.41 -37.27
CA VAL B 209 10.46 -11.58 -38.09
C VAL B 209 9.61 -10.32 -37.95
N SER B 210 9.50 -9.50 -39.01
CA SER B 210 8.85 -8.15 -38.97
C SER B 210 8.49 -7.64 -40.36
N CYS B 211 7.73 -6.54 -40.46
CA CYS B 211 7.31 -5.98 -41.78
C CYS B 211 7.74 -4.51 -41.94
N LYS B 212 8.87 -4.38 -42.63
CA LYS B 212 9.39 -3.16 -43.30
C LYS B 212 9.58 -2.07 -42.23
N SER B 213 8.54 -1.28 -42.00
CA SER B 213 8.55 -0.09 -41.11
C SER B 213 9.04 -0.44 -39.68
N LEU B 214 8.90 -1.70 -39.24
CA LEU B 214 9.01 -2.07 -37.80
C LEU B 214 10.11 -3.12 -37.55
N ASN B 215 11.23 -3.00 -38.26
CA ASN B 215 12.34 -3.98 -38.15
C ASN B 215 13.17 -3.63 -36.94
N ILE B 216 13.96 -4.60 -36.50
CA ILE B 216 14.99 -4.41 -35.43
C ILE B 216 15.88 -3.24 -35.82
N PRO B 217 16.21 -2.31 -34.92
CA PRO B 217 17.09 -1.18 -35.26
C PRO B 217 18.55 -1.58 -35.49
N LYS B 218 19.26 -0.84 -36.34
CA LYS B 218 20.66 -1.14 -36.73
C LYS B 218 21.59 -1.15 -35.51
N ASP B 219 21.40 -0.28 -34.52
CA ASP B 219 22.30 -0.19 -33.34
C ASP B 219 22.24 -1.50 -32.54
N ILE B 220 21.08 -2.16 -32.49
CA ILE B 220 20.88 -3.43 -31.72
C ILE B 220 21.60 -4.55 -32.50
N VAL B 221 21.45 -4.57 -33.82
CA VAL B 221 22.17 -5.55 -34.67
C VAL B 221 23.69 -5.38 -34.50
N ASN B 222 24.16 -4.14 -34.41
CA ASN B 222 25.61 -3.87 -34.22
C ASN B 222 26.04 -4.40 -32.85
N THR B 223 25.24 -4.19 -31.82
CA THR B 223 25.56 -4.70 -30.47
C THR B 223 25.59 -6.23 -30.49
N ILE B 224 24.62 -6.85 -31.16
CA ILE B 224 24.53 -8.34 -31.22
C ILE B 224 25.82 -8.82 -31.88
N THR B 225 26.16 -8.19 -32.98
CA THR B 225 27.26 -8.62 -33.86
C THR B 225 28.56 -8.53 -33.08
N TYR B 226 28.73 -7.45 -32.35
CA TYR B 226 29.99 -7.19 -31.61
C TYR B 226 30.12 -8.22 -30.49
N ASN B 227 29.03 -8.50 -29.78
CA ASN B 227 29.03 -9.48 -28.67
C ASN B 227 29.25 -10.91 -29.22
N LEU B 228 28.71 -11.24 -30.38
CA LEU B 228 28.91 -12.59 -30.96
C LEU B 228 30.37 -12.72 -31.42
N LYS B 229 30.93 -11.69 -32.06
CA LYS B 229 32.35 -11.68 -32.51
C LYS B 229 33.28 -11.84 -31.29
N LYS B 230 32.99 -11.20 -30.18
CA LYS B 230 33.92 -11.20 -29.03
C LYS B 230 34.04 -12.62 -28.50
N ASN B 231 33.00 -13.47 -28.58
CA ASN B 231 33.01 -14.86 -28.04
C ASN B 231 33.17 -15.88 -29.15
N ASN B 232 33.50 -15.43 -30.38
CA ASN B 232 33.77 -16.30 -31.56
C ASN B 232 32.56 -17.20 -31.86
N PHE B 233 31.37 -16.60 -31.93
CA PHE B 233 30.08 -17.26 -32.27
C PHE B 233 29.42 -16.58 -33.48
N TYR B 234 30.11 -15.66 -34.13
CA TYR B 234 29.52 -14.84 -35.21
C TYR B 234 29.78 -15.56 -36.52
N SER B 235 28.74 -15.63 -37.36
CA SER B 235 28.80 -16.19 -38.75
C SER B 235 27.75 -15.48 -39.61
N ASP B 236 27.73 -15.83 -40.89
CA ASP B 236 26.85 -15.22 -41.93
C ASP B 236 25.41 -15.52 -41.53
N ASP B 237 25.25 -16.58 -40.73
CA ASP B 237 23.96 -17.20 -40.31
C ASP B 237 23.54 -16.74 -38.91
N SER B 238 24.28 -15.83 -38.27
CA SER B 238 24.02 -15.43 -36.87
C SER B 238 22.70 -14.65 -36.83
N ILE B 239 22.42 -13.85 -37.83
CA ILE B 239 21.28 -12.91 -37.86
C ILE B 239 20.57 -13.06 -39.18
N LYS B 240 19.37 -13.64 -39.19
CA LYS B 240 18.52 -13.76 -40.40
C LYS B 240 17.29 -12.84 -40.23
N TYR B 241 16.80 -12.26 -41.32
CA TYR B 241 15.62 -11.38 -41.36
C TYR B 241 14.52 -12.04 -42.20
N PHE B 242 13.30 -12.10 -41.68
CA PHE B 242 12.11 -12.63 -42.40
C PHE B 242 10.95 -11.63 -42.29
N ASP B 243 10.03 -11.71 -43.23
CA ASP B 243 8.80 -10.86 -43.25
C ASP B 243 7.54 -11.73 -43.09
N ASN B 244 7.70 -13.00 -42.69
CA ASN B 244 6.60 -13.99 -42.60
C ASN B 244 7.00 -15.11 -41.64
N LEU B 245 5.99 -15.72 -41.02
CA LEU B 245 6.09 -16.72 -39.92
C LEU B 245 6.61 -18.05 -40.45
N GLU B 246 6.07 -18.56 -41.57
CA GLU B 246 6.39 -19.94 -42.03
C GLU B 246 7.91 -20.07 -42.08
N GLU B 247 8.66 -19.08 -42.61
CA GLU B 247 10.15 -19.11 -42.70
C GLU B 247 10.75 -18.81 -41.30
N GLY B 248 10.36 -17.71 -40.68
CA GLY B 248 10.89 -17.23 -39.39
C GLY B 248 10.83 -18.26 -38.27
N LEU B 249 9.80 -19.11 -38.21
CA LEU B 249 9.55 -19.92 -36.98
C LEU B 249 10.26 -21.28 -37.10
N GLU B 250 10.96 -21.50 -38.21
CA GLU B 250 11.58 -22.80 -38.53
C GLU B 250 12.90 -22.95 -37.77
N ASP B 251 13.09 -24.10 -37.13
CA ASP B 251 14.34 -24.48 -36.42
C ASP B 251 14.72 -23.40 -35.41
N VAL B 252 13.77 -22.93 -34.58
CA VAL B 252 14.06 -22.02 -33.43
C VAL B 252 13.58 -22.67 -32.13
N HIS B 253 14.44 -22.67 -31.10
CA HIS B 253 14.18 -23.16 -29.72
C HIS B 253 13.17 -22.24 -29.05
N ILE B 254 13.24 -20.95 -29.38
CA ILE B 254 12.41 -19.93 -28.69
C ILE B 254 11.72 -19.09 -29.74
N ILE B 255 10.41 -18.89 -29.54
CA ILE B 255 9.62 -17.85 -30.24
C ILE B 255 9.23 -16.80 -29.20
N TYR B 256 9.69 -15.57 -29.37
CA TYR B 256 9.37 -14.43 -28.50
C TYR B 256 8.51 -13.44 -29.28
N MET B 257 7.23 -13.37 -28.96
CA MET B 257 6.27 -12.44 -29.60
C MET B 257 6.33 -11.10 -28.86
N THR B 258 6.11 -9.99 -29.59
CA THR B 258 6.01 -8.63 -29.03
C THR B 258 4.56 -8.17 -29.09
N ARG B 259 4.30 -7.10 -28.35
CA ARG B 259 3.03 -6.36 -28.38
C ARG B 259 3.04 -5.64 -29.72
N ILE B 260 1.91 -5.72 -30.41
CA ILE B 260 1.63 -4.89 -31.59
C ILE B 260 0.49 -3.96 -31.19
N GLN B 261 0.78 -2.69 -30.95
CA GLN B 261 -0.25 -1.69 -30.57
C GLN B 261 -0.74 -0.92 -31.79
N LYS B 262 -2.04 -0.68 -31.80
CA LYS B 262 -2.75 -0.03 -32.90
C LYS B 262 -2.18 1.41 -33.06
N GLU B 263 -1.68 2.05 -31.98
CA GLU B 263 -1.20 3.46 -31.98
C GLU B 263 0.05 3.61 -32.86
N ARG B 264 0.60 2.51 -33.38
CA ARG B 264 1.93 2.56 -34.02
C ARG B 264 1.84 2.59 -35.54
N PHE B 265 0.65 2.52 -36.11
CA PHE B 265 0.39 2.53 -37.59
C PHE B 265 -0.24 3.86 -37.97
N THR B 266 -0.47 4.12 -39.26
CA THR B 266 -1.07 5.39 -39.77
C THR B 266 -2.59 5.38 -39.55
N ASP B 267 -3.23 4.19 -39.61
CA ASP B 267 -4.70 3.98 -39.45
C ASP B 267 -4.95 2.56 -38.91
N VAL B 268 -6.21 2.09 -38.88
CA VAL B 268 -6.63 0.77 -38.32
C VAL B 268 -6.49 -0.27 -39.45
N ASP B 269 -6.70 0.12 -40.71
CA ASP B 269 -6.40 -0.73 -41.90
C ASP B 269 -4.99 -1.29 -41.68
N GLU B 270 -4.01 -0.39 -41.64
CA GLU B 270 -2.58 -0.75 -41.71
C GLU B 270 -2.24 -1.65 -40.51
N TYR B 271 -2.88 -1.40 -39.36
CA TYR B 271 -2.68 -2.15 -38.09
C TYR B 271 -3.30 -3.56 -38.18
N ASN B 272 -4.49 -3.71 -38.74
CA ASN B 272 -5.19 -5.03 -38.77
C ASN B 272 -4.48 -5.95 -39.77
N GLN B 273 -3.73 -5.41 -40.75
CA GLN B 273 -2.94 -6.17 -41.76
C GLN B 273 -1.57 -6.57 -41.20
N TYR B 274 -1.11 -5.93 -40.12
CA TYR B 274 0.19 -6.24 -39.44
C TYR B 274 -0.06 -7.25 -38.29
N LYS B 275 -1.06 -7.08 -37.43
CA LYS B 275 -1.71 -8.26 -36.80
C LYS B 275 -2.09 -9.14 -37.98
N ASN B 276 -2.84 -10.22 -37.76
CA ASN B 276 -3.29 -11.15 -38.85
C ASN B 276 -2.08 -11.81 -39.51
N ALA B 277 -1.09 -11.02 -39.95
CA ALA B 277 0.16 -11.52 -40.57
C ALA B 277 0.96 -12.30 -39.52
N PHE B 278 1.25 -11.71 -38.38
CA PHE B 278 2.10 -12.34 -37.34
C PHE B 278 1.26 -12.82 -36.16
N ILE B 279 -0.06 -12.98 -36.27
CA ILE B 279 -0.86 -13.63 -35.21
C ILE B 279 -0.48 -15.11 -35.13
N LEU B 280 -0.15 -15.54 -33.91
CA LEU B 280 0.27 -16.93 -33.60
C LEU B 280 -0.96 -17.82 -33.35
N SER B 281 -1.02 -18.98 -34.02
CA SER B 281 -2.12 -19.99 -33.92
C SER B 281 -1.50 -21.40 -33.84
N ASN B 282 -2.28 -22.41 -33.46
CA ASN B 282 -1.81 -23.83 -33.45
C ASN B 282 -1.38 -24.21 -34.87
N LYS B 283 -2.04 -23.62 -35.89
CA LYS B 283 -1.69 -23.83 -37.32
C LYS B 283 -0.25 -23.36 -37.57
N THR B 284 0.08 -22.10 -37.24
CA THR B 284 1.42 -21.52 -37.53
C THR B 284 2.49 -22.27 -36.71
N LEU B 285 2.11 -23.07 -35.71
CA LEU B 285 3.10 -23.75 -34.83
C LEU B 285 3.39 -25.21 -35.23
N GLU B 286 2.66 -25.76 -36.20
CA GLU B 286 2.80 -27.18 -36.65
C GLU B 286 4.22 -27.48 -37.15
N ASN B 287 4.88 -26.56 -37.87
CA ASN B 287 6.24 -26.80 -38.45
C ASN B 287 7.29 -26.03 -37.67
N THR B 288 7.13 -26.01 -36.35
CA THR B 288 8.18 -25.55 -35.40
C THR B 288 8.77 -26.81 -34.77
N ARG B 289 9.92 -26.68 -34.10
CA ARG B 289 10.58 -27.83 -33.43
C ARG B 289 9.63 -28.30 -32.32
N ASP B 290 9.82 -29.53 -31.87
CA ASP B 290 8.92 -30.11 -30.84
C ASP B 290 9.24 -29.44 -29.53
N ASP B 291 10.48 -28.96 -29.33
CA ASP B 291 10.98 -28.45 -28.04
C ASP B 291 10.74 -26.94 -27.95
N THR B 292 10.20 -26.32 -28.99
CA THR B 292 10.04 -24.86 -29.06
C THR B 292 9.18 -24.39 -27.90
N LYS B 293 9.59 -23.30 -27.26
CA LYS B 293 8.83 -22.62 -26.19
C LYS B 293 8.55 -21.18 -26.65
N ILE B 294 7.34 -20.71 -26.33
CA ILE B 294 6.75 -19.42 -26.79
C ILE B 294 6.71 -18.45 -25.61
N LEU B 295 7.42 -17.32 -25.75
CA LEU B 295 7.40 -16.24 -24.74
C LEU B 295 6.71 -15.03 -25.35
N HIS B 296 6.26 -14.16 -24.45
CA HIS B 296 5.54 -12.90 -24.72
C HIS B 296 5.62 -12.12 -23.42
N PRO B 297 6.19 -10.89 -23.43
CA PRO B 297 6.37 -10.11 -22.21
C PRO B 297 5.02 -9.75 -21.54
N LEU B 298 3.95 -9.78 -22.33
CA LEU B 298 2.54 -9.54 -21.97
C LEU B 298 2.39 -8.05 -21.68
N PRO B 299 1.17 -7.46 -21.77
CA PRO B 299 -0.07 -8.18 -22.05
C PRO B 299 -0.19 -8.61 -23.51
N ARG B 300 -0.72 -9.82 -23.67
CA ARG B 300 -1.09 -10.41 -24.97
C ARG B 300 -2.49 -9.85 -25.26
N VAL B 301 -2.68 -9.34 -26.46
CA VAL B 301 -4.00 -8.88 -26.96
C VAL B 301 -4.34 -9.81 -28.13
N ASN B 302 -4.02 -9.44 -29.36
CA ASN B 302 -4.39 -10.27 -30.54
C ASN B 302 -3.14 -10.89 -31.17
N GLU B 303 -1.98 -10.99 -30.47
CA GLU B 303 -0.74 -11.56 -31.07
C GLU B 303 -0.69 -13.08 -30.95
N ILE B 304 -1.30 -13.64 -29.91
CA ILE B 304 -1.40 -15.09 -29.65
C ILE B 304 -2.86 -15.40 -29.35
N LYS B 305 -3.47 -16.25 -30.18
CA LYS B 305 -4.87 -16.75 -30.03
C LYS B 305 -4.97 -17.58 -28.75
N VAL B 306 -6.08 -17.46 -28.02
CA VAL B 306 -6.32 -18.18 -26.74
C VAL B 306 -6.13 -19.70 -26.90
N GLU B 307 -6.37 -20.25 -28.09
CA GLU B 307 -6.19 -21.70 -28.32
C GLU B 307 -4.75 -22.14 -27.99
N VAL B 308 -3.76 -21.24 -28.13
CA VAL B 308 -2.31 -21.60 -27.99
C VAL B 308 -1.98 -21.87 -26.51
N ASP B 309 -2.68 -21.19 -25.61
CA ASP B 309 -2.57 -21.35 -24.13
C ASP B 309 -2.59 -22.85 -23.77
N SER B 310 -3.36 -23.67 -24.50
CA SER B 310 -3.53 -25.14 -24.27
C SER B 310 -2.35 -25.90 -24.87
N ASN B 311 -1.66 -25.29 -25.82
CA ASN B 311 -0.52 -25.91 -26.54
C ASN B 311 0.64 -25.98 -25.57
N PRO B 312 1.24 -27.18 -25.32
CA PRO B 312 2.36 -27.30 -24.37
C PRO B 312 3.59 -26.45 -24.72
N LYS B 313 3.69 -25.92 -25.92
CA LYS B 313 4.81 -25.01 -26.28
C LYS B 313 4.63 -23.63 -25.64
N SER B 314 3.44 -23.26 -25.19
CA SER B 314 3.22 -21.92 -24.61
C SER B 314 3.78 -21.88 -23.18
N VAL B 315 4.59 -20.86 -22.85
CA VAL B 315 5.14 -20.65 -21.48
C VAL B 315 5.04 -19.17 -21.06
N TYR B 316 4.30 -18.34 -21.79
CA TYR B 316 4.25 -16.87 -21.52
C TYR B 316 3.70 -16.62 -20.09
N PHE B 317 2.80 -17.44 -19.57
CA PHE B 317 2.23 -17.25 -18.20
C PHE B 317 3.25 -17.76 -17.19
N THR B 318 3.97 -18.83 -17.47
CA THR B 318 5.09 -19.26 -16.57
C THR B 318 6.15 -18.16 -16.52
N GLN B 319 6.41 -17.53 -17.67
CA GLN B 319 7.35 -16.40 -17.85
C GLN B 319 7.01 -15.28 -16.84
N ALA B 320 5.78 -14.75 -16.90
CA ALA B 320 5.22 -13.74 -15.97
C ALA B 320 5.42 -14.18 -14.53
N GLU B 321 5.03 -15.40 -14.24
CA GLU B 321 5.18 -15.97 -12.88
C GLU B 321 6.66 -15.89 -12.48
N ASN B 322 7.59 -16.22 -13.38
CA ASN B 322 9.04 -16.30 -13.03
C ASN B 322 9.56 -14.94 -12.57
N GLY B 323 8.92 -13.87 -13.02
CA GLY B 323 9.22 -12.50 -12.56
C GLY B 323 9.24 -12.41 -11.03
N LEU B 324 8.34 -13.10 -10.35
CA LEU B 324 8.29 -13.05 -8.88
C LEU B 324 9.62 -13.58 -8.38
N TYR B 325 10.06 -14.73 -8.89
CA TYR B 325 11.24 -15.43 -8.34
C TYR B 325 12.51 -14.63 -8.66
N VAL B 326 12.58 -14.06 -9.85
CA VAL B 326 13.79 -13.30 -10.28
C VAL B 326 13.88 -11.98 -9.48
N ARG B 327 12.75 -11.30 -9.24
CA ARG B 327 12.74 -10.02 -8.47
C ARG B 327 13.07 -10.30 -7.00
N MET B 328 12.57 -11.40 -6.43
CA MET B 328 12.97 -11.82 -5.05
C MET B 328 14.48 -12.08 -5.03
N ALA B 329 15.02 -12.78 -6.02
CA ALA B 329 16.46 -13.13 -6.05
C ALA B 329 17.29 -11.86 -6.10
N LEU B 330 16.95 -10.98 -7.02
CA LEU B 330 17.76 -9.76 -7.20
C LEU B 330 17.71 -8.95 -5.90
N LEU B 331 16.54 -8.79 -5.26
CA LEU B 331 16.43 -7.98 -4.01
C LEU B 331 17.26 -8.65 -2.91
N TYR B 332 17.17 -9.98 -2.82
CA TYR B 332 17.91 -10.73 -1.77
C TYR B 332 19.42 -10.45 -1.92
N LEU B 333 19.96 -10.54 -3.13
CA LEU B 333 21.42 -10.48 -3.42
C LEU B 333 21.91 -9.06 -3.13
N ILE B 334 21.11 -8.06 -3.44
CA ILE B 334 21.48 -6.62 -3.34
C ILE B 334 21.32 -6.10 -1.90
N PHE B 335 20.22 -6.38 -1.25
CA PHE B 335 19.79 -5.67 -0.01
C PHE B 335 20.08 -6.48 1.25
N SER B 336 20.50 -7.74 1.16
CA SER B 336 20.96 -8.46 2.38
C SER B 336 22.07 -7.64 3.04
N SER B 337 22.03 -7.58 4.37
CA SER B 337 23.00 -6.82 5.21
C SER B 337 24.37 -7.52 5.14
N THR B 338 24.38 -8.81 5.42
CA THR B 338 25.53 -9.70 5.12
C THR B 338 24.91 -11.01 4.65
N SER B 339 25.78 -11.98 4.40
CA SER B 339 25.45 -13.40 4.16
C SER B 339 26.21 -14.28 5.17
N SER B 340 25.67 -15.46 5.48
CA SER B 340 26.44 -16.60 6.05
C SER B 340 26.03 -17.85 5.26
N ALA B 341 26.78 -18.96 5.32
CA ALA B 341 26.52 -20.19 4.53
C ALA B 341 25.04 -20.63 4.67
N TRP B 342 24.66 -20.86 5.93
CA TRP B 342 23.37 -21.41 6.39
C TRP B 342 22.18 -20.48 6.01
N SER B 343 22.41 -19.20 5.75
CA SER B 343 21.30 -18.22 5.62
C SER B 343 20.75 -18.20 4.19
N HIS B 344 21.46 -18.70 3.18
CA HIS B 344 21.02 -18.55 1.75
C HIS B 344 19.85 -19.48 1.46
N PRO B 345 18.97 -19.11 0.52
CA PRO B 345 17.95 -20.04 0.04
C PRO B 345 18.56 -21.28 -0.62
N GLN B 346 18.02 -22.46 -0.29
CA GLN B 346 18.39 -23.76 -0.91
C GLN B 346 17.29 -24.79 -0.58
N PHE B 347 16.74 -25.52 -1.57
CA PHE B 347 15.46 -26.24 -1.39
C PHE B 347 15.69 -27.69 -0.88
N PHE C 2 -15.00 -27.92 23.26
CA PHE C 2 -13.66 -27.31 23.04
C PHE C 2 -13.88 -26.06 22.20
N TYR C 3 -14.65 -26.19 21.12
CA TYR C 3 -15.11 -25.05 20.28
C TYR C 3 -16.64 -25.06 20.33
N ILE C 4 -17.20 -24.18 21.13
CA ILE C 4 -18.66 -24.20 21.45
C ILE C 4 -19.14 -22.76 21.19
N ASN C 5 -20.31 -22.64 20.59
CA ASN C 5 -20.97 -21.35 20.27
C ASN C 5 -22.24 -21.26 21.14
N SER C 6 -22.10 -20.76 22.37
CA SER C 6 -23.15 -20.80 23.44
C SER C 6 -23.31 -22.23 24.00
N LYS C 7 -23.91 -23.17 23.23
CA LYS C 7 -23.94 -24.64 23.49
C LYS C 7 -23.96 -25.51 22.21
N TYR C 8 -23.62 -25.02 21.00
CA TYR C 8 -23.33 -25.84 19.79
C TYR C 8 -21.82 -26.01 19.57
N LYS C 9 -21.40 -27.28 19.57
CA LYS C 9 -20.01 -27.75 19.35
C LYS C 9 -19.67 -27.61 17.86
N ILE C 10 -18.50 -27.04 17.58
CA ILE C 10 -17.92 -26.78 16.22
C ILE C 10 -16.65 -27.62 16.12
N ASP C 11 -16.52 -28.48 15.11
CA ASP C 11 -15.24 -29.14 14.73
C ASP C 11 -14.59 -28.19 13.74
N LEU C 12 -13.96 -27.14 14.28
CA LEU C 12 -13.23 -26.10 13.51
C LEU C 12 -12.20 -26.81 12.61
N ASP C 13 -11.47 -27.80 13.12
CA ASP C 13 -10.56 -28.63 12.31
C ASP C 13 -11.30 -29.19 11.09
N LYS C 14 -12.42 -29.92 11.26
CA LYS C 14 -13.19 -30.53 10.13
C LYS C 14 -13.64 -29.40 9.20
N ILE C 15 -14.20 -28.34 9.75
CA ILE C 15 -14.85 -27.26 8.96
C ILE C 15 -13.78 -26.50 8.15
N MET C 16 -12.60 -26.37 8.69
CA MET C 16 -11.49 -25.67 8.00
C MET C 16 -10.94 -26.55 6.87
N THR C 17 -10.72 -27.85 7.08
CA THR C 17 -10.39 -28.81 5.99
C THR C 17 -11.33 -28.56 4.81
N LYS C 18 -12.60 -28.29 5.08
CA LYS C 18 -13.64 -28.09 4.05
C LYS C 18 -13.53 -26.68 3.46
N MET C 19 -13.26 -25.64 4.25
CA MET C 19 -13.21 -24.23 3.76
C MET C 19 -11.83 -23.91 3.17
N LYS C 20 -10.79 -24.72 3.38
CA LYS C 20 -9.42 -24.38 2.91
C LYS C 20 -9.52 -24.02 1.44
N ASN C 21 -9.05 -22.83 1.06
CA ASN C 21 -8.95 -22.39 -0.36
C ASN C 21 -10.31 -22.35 -1.06
N LYS C 22 -11.35 -22.15 -0.29
CA LYS C 22 -12.72 -21.90 -0.78
C LYS C 22 -12.75 -20.47 -1.30
N SER C 23 -13.26 -20.22 -2.49
CA SER C 23 -13.69 -18.84 -2.85
C SER C 23 -15.06 -18.55 -2.20
N VAL C 24 -15.30 -17.32 -1.81
CA VAL C 24 -16.60 -16.88 -1.24
C VAL C 24 -17.08 -15.69 -2.08
N ILE C 25 -18.05 -15.96 -2.95
CA ILE C 25 -18.58 -14.98 -3.94
C ILE C 25 -19.95 -14.50 -3.50
N ASN C 26 -20.73 -15.42 -2.94
CA ASN C 26 -22.19 -15.31 -2.69
C ASN C 26 -22.42 -15.80 -1.25
N ILE C 27 -23.36 -15.24 -0.50
CA ILE C 27 -23.69 -15.83 0.84
C ILE C 27 -24.12 -17.32 0.73
N ASP C 28 -24.67 -17.79 -0.39
CA ASP C 28 -25.02 -19.23 -0.55
C ASP C 28 -23.75 -20.10 -0.64
N ASP C 29 -22.55 -19.54 -0.73
CA ASP C 29 -21.30 -20.36 -0.73
C ASP C 29 -20.94 -20.75 0.70
N VAL C 30 -21.69 -20.25 1.67
CA VAL C 30 -21.44 -20.48 3.11
C VAL C 30 -22.62 -21.32 3.61
N ASP C 31 -22.33 -22.52 4.11
CA ASP C 31 -23.37 -23.43 4.61
C ASP C 31 -23.47 -23.27 6.14
N ASP C 32 -24.35 -24.05 6.78
CA ASP C 32 -24.66 -23.96 8.22
C ASP C 32 -23.38 -24.10 9.05
N GLU C 33 -22.65 -25.20 8.89
CA GLU C 33 -21.39 -25.48 9.64
C GLU C 33 -20.41 -24.31 9.47
N GLU C 34 -20.34 -23.76 8.26
CA GLU C 34 -19.34 -22.74 7.90
C GLU C 34 -19.78 -21.46 8.60
N LEU C 35 -21.09 -21.22 8.64
CA LEU C 35 -21.64 -20.00 9.31
C LEU C 35 -21.29 -20.09 10.80
N LEU C 36 -21.50 -21.24 11.44
CA LEU C 36 -21.13 -21.46 12.85
C LEU C 36 -19.62 -21.16 13.01
N ALA C 37 -18.77 -21.67 12.13
CA ALA C 37 -17.31 -21.49 12.26
C ALA C 37 -16.98 -19.98 12.19
N ILE C 38 -17.62 -19.26 11.27
CA ILE C 38 -17.42 -17.82 11.05
C ILE C 38 -17.87 -17.07 12.29
N LEU C 39 -18.99 -17.48 12.91
CA LEU C 39 -19.54 -16.77 14.09
C LEU C 39 -18.62 -17.04 15.29
N TYR C 40 -18.21 -18.28 15.49
CA TYR C 40 -17.33 -18.66 16.63
C TYR C 40 -16.01 -17.86 16.51
N THR C 41 -15.44 -17.87 15.32
CA THR C 41 -14.07 -17.34 15.05
C THR C 41 -14.11 -15.81 15.12
N SER C 42 -15.15 -15.19 14.57
CA SER C 42 -15.40 -13.73 14.65
C SER C 42 -15.44 -13.30 16.11
N LYS C 43 -16.16 -14.04 16.96
CA LYS C 43 -16.31 -13.74 18.41
C LYS C 43 -14.95 -13.83 19.10
N GLN C 44 -14.12 -14.79 18.75
CA GLN C 44 -12.77 -14.89 19.33
C GLN C 44 -11.99 -13.62 18.96
N PHE C 45 -12.01 -13.20 17.71
CA PHE C 45 -11.25 -12.01 17.26
C PHE C 45 -11.83 -10.80 17.97
N GLU C 46 -13.15 -10.72 18.13
CA GLU C 46 -13.73 -9.58 18.87
C GLU C 46 -13.11 -9.54 20.29
N LYS C 47 -13.06 -10.66 21.00
CA LYS C 47 -12.63 -10.67 22.42
C LYS C 47 -11.14 -10.41 22.47
N ILE C 48 -10.40 -10.98 21.52
CA ILE C 48 -8.93 -10.87 21.48
C ILE C 48 -8.59 -9.39 21.28
N LEU C 49 -9.21 -8.71 20.32
CA LEU C 49 -8.87 -7.31 19.99
C LEU C 49 -9.30 -6.39 21.14
N LYS C 50 -10.51 -6.57 21.69
CA LYS C 50 -11.01 -5.71 22.79
C LYS C 50 -10.11 -5.87 24.02
N ASN C 51 -9.47 -7.03 24.23
CA ASN C 51 -8.54 -7.26 25.36
C ASN C 51 -7.10 -7.02 24.96
N ASN C 52 -6.87 -6.38 23.82
CA ASN C 52 -5.50 -6.05 23.30
C ASN C 52 -4.58 -7.26 23.36
N GLU C 53 -5.04 -8.44 22.98
CA GLU C 53 -4.13 -9.60 22.93
C GLU C 53 -3.65 -9.72 21.50
N ASP C 54 -2.61 -10.53 21.34
CA ASP C 54 -2.03 -10.93 20.04
C ASP C 54 -3.12 -11.49 19.09
N SER C 55 -3.24 -10.90 17.91
CA SER C 55 -4.26 -11.19 16.89
C SER C 55 -3.64 -11.90 15.68
N LYS C 56 -2.35 -12.19 15.75
CA LYS C 56 -1.57 -12.67 14.59
C LYS C 56 -1.77 -14.19 14.39
N TYR C 57 -2.97 -14.63 14.02
CA TYR C 57 -3.35 -16.05 13.81
C TYR C 57 -3.12 -16.47 12.34
N LEU C 58 -2.80 -15.53 11.46
CA LEU C 58 -2.49 -15.83 10.05
C LEU C 58 -1.36 -14.91 9.55
N GLU C 59 -0.13 -15.30 9.88
CA GLU C 59 1.13 -14.65 9.41
C GLU C 59 1.57 -15.38 8.16
N ASN C 60 2.42 -14.76 7.37
CA ASN C 60 3.14 -15.47 6.26
C ASN C 60 2.32 -15.45 4.98
N LYS C 61 1.16 -14.82 4.96
CA LYS C 61 0.33 -14.76 3.74
C LYS C 61 0.56 -13.38 3.10
N VAL C 62 0.43 -13.33 1.79
CA VAL C 62 0.51 -12.07 1.00
C VAL C 62 -0.73 -12.06 0.14
N PHE C 63 -1.56 -11.03 0.25
CA PHE C 63 -2.85 -10.91 -0.45
C PHE C 63 -2.69 -9.81 -1.47
N CYS C 64 -3.55 -9.82 -2.49
CA CYS C 64 -3.82 -8.68 -3.40
C CYS C 64 -5.28 -8.24 -3.18
N SER C 65 -5.46 -6.95 -3.00
CA SER C 65 -6.79 -6.33 -2.87
C SER C 65 -6.99 -5.50 -4.13
N VAL C 66 -8.01 -5.86 -4.91
CA VAL C 66 -8.34 -5.19 -6.21
C VAL C 66 -9.71 -4.55 -6.03
N PHE C 67 -9.74 -3.22 -5.97
CA PHE C 67 -10.97 -2.41 -5.83
C PHE C 67 -11.13 -1.57 -7.11
N LEU C 68 -12.01 -1.99 -8.02
CA LEU C 68 -12.17 -1.32 -9.33
C LEU C 68 -13.38 -0.37 -9.29
N GLU C 69 -13.88 -0.08 -8.10
CA GLU C 69 -14.63 1.16 -7.82
C GLU C 69 -14.21 1.64 -6.43
N PRO C 70 -14.39 2.94 -6.14
CA PRO C 70 -14.15 3.46 -4.80
C PRO C 70 -15.10 2.74 -3.84
N SER C 71 -14.60 2.07 -2.81
CA SER C 71 -15.42 1.61 -1.67
C SER C 71 -14.48 1.58 -0.47
N THR C 72 -14.04 2.77 -0.10
CA THR C 72 -12.94 3.02 0.86
C THR C 72 -13.25 2.32 2.22
N ARG C 73 -14.45 2.43 2.74
CA ARG C 73 -14.76 1.77 4.04
C ARG C 73 -14.48 0.26 3.93
N THR C 74 -14.94 -0.40 2.87
CA THR C 74 -14.87 -1.88 2.73
C THR C 74 -13.41 -2.26 2.48
N ARG C 75 -12.74 -1.51 1.61
CA ARG C 75 -11.32 -1.79 1.34
C ARG C 75 -10.49 -1.68 2.62
N CYS C 76 -10.68 -0.63 3.41
CA CYS C 76 -9.89 -0.37 4.64
C CYS C 76 -10.17 -1.47 5.65
N SER C 77 -11.37 -1.97 5.66
CA SER C 77 -11.80 -3.01 6.61
C SER C 77 -11.01 -4.27 6.29
N PHE C 78 -10.94 -4.61 5.02
CA PHE C 78 -10.24 -5.84 4.58
C PHE C 78 -8.74 -5.66 4.82
N ASP C 79 -8.19 -4.50 4.47
CA ASP C 79 -6.75 -4.23 4.70
C ASP C 79 -6.46 -4.45 6.22
N ALA C 80 -7.30 -3.89 7.06
CA ALA C 80 -7.08 -3.87 8.52
C ALA C 80 -7.11 -5.31 9.01
N ALA C 81 -8.00 -6.10 8.44
CA ALA C 81 -8.20 -7.50 8.85
C ALA C 81 -6.95 -8.30 8.51
N ILE C 82 -6.48 -8.16 7.29
CA ILE C 82 -5.24 -8.87 6.82
C ILE C 82 -4.08 -8.45 7.75
N LEU C 83 -3.92 -7.15 7.99
CA LEU C 83 -2.71 -6.66 8.69
C LEU C 83 -2.79 -7.08 10.17
N LYS C 84 -3.99 -7.02 10.75
CA LYS C 84 -4.18 -7.42 12.17
C LYS C 84 -3.92 -8.90 12.36
N LEU C 85 -4.22 -9.72 11.35
CA LEU C 85 -3.96 -11.19 11.36
C LEU C 85 -2.45 -11.44 11.23
N GLY C 86 -1.67 -10.44 10.76
CA GLY C 86 -0.20 -10.49 10.70
C GLY C 86 0.34 -10.77 9.31
N SER C 87 -0.54 -10.82 8.31
CA SER C 87 -0.21 -11.01 6.89
C SER C 87 0.04 -9.66 6.21
N LYS C 88 0.27 -9.66 4.92
CA LYS C 88 0.67 -8.45 4.17
C LYS C 88 -0.24 -8.35 2.94
N VAL C 89 -0.37 -7.15 2.38
CA VAL C 89 -1.27 -6.98 1.23
C VAL C 89 -0.67 -5.93 0.28
N LEU C 90 -0.85 -6.20 -1.02
CA LEU C 90 -0.61 -5.21 -2.08
C LEU C 90 -1.98 -4.80 -2.64
N ASN C 91 -2.12 -3.53 -2.95
CA ASN C 91 -3.37 -2.84 -3.24
C ASN C 91 -3.40 -2.39 -4.70
N ILE C 92 -4.53 -2.60 -5.35
CA ILE C 92 -4.88 -1.95 -6.65
C ILE C 92 -6.19 -1.22 -6.36
N THR C 93 -6.18 0.10 -6.32
CA THR C 93 -7.36 0.97 -6.02
C THR C 93 -7.46 1.99 -7.14
N ASP C 94 -7.93 3.21 -6.88
CA ASP C 94 -7.65 4.41 -7.74
C ASP C 94 -8.31 4.22 -9.12
N MET C 95 -8.75 3.01 -9.49
CA MET C 95 -8.97 2.63 -10.91
C MET C 95 -10.42 2.17 -11.05
N ASN C 96 -10.85 1.98 -12.30
CA ASN C 96 -12.11 1.27 -12.71
C ASN C 96 -11.74 0.10 -13.64
N SER C 97 -12.75 -0.71 -13.99
CA SER C 97 -12.64 -1.89 -14.86
C SER C 97 -11.78 -1.55 -16.09
N THR C 98 -12.13 -0.52 -16.86
CA THR C 98 -11.57 -0.22 -18.20
C THR C 98 -10.09 0.21 -18.07
N SER C 99 -9.72 1.02 -17.07
CA SER C 99 -8.34 1.57 -16.90
C SER C 99 -7.41 0.49 -16.33
N PHE C 100 -7.96 -0.48 -15.59
CA PHE C 100 -7.17 -1.59 -14.99
C PHE C 100 -6.88 -2.66 -16.04
N TYR C 101 -7.86 -3.01 -16.89
CA TYR C 101 -7.73 -4.14 -17.84
C TYR C 101 -6.99 -3.64 -19.09
N LYS C 102 -7.12 -2.34 -19.42
CA LYS C 102 -6.45 -1.73 -20.59
C LYS C 102 -6.58 -2.72 -21.74
N GLY C 103 -7.77 -3.29 -21.99
CA GLY C 103 -7.99 -4.19 -23.15
C GLY C 103 -7.25 -5.55 -23.09
N GLU C 104 -6.47 -5.85 -22.05
CA GLU C 104 -6.16 -7.23 -21.61
C GLU C 104 -7.42 -7.89 -21.02
N THR C 105 -7.59 -9.20 -21.22
CA THR C 105 -8.72 -10.01 -20.74
C THR C 105 -8.65 -10.16 -19.23
N VAL C 106 -9.80 -10.34 -18.60
CA VAL C 106 -9.89 -10.53 -17.13
C VAL C 106 -9.27 -11.88 -16.82
N GLU C 107 -9.42 -12.84 -17.75
CA GLU C 107 -8.89 -14.23 -17.53
C GLU C 107 -7.36 -14.17 -17.44
N ASP C 108 -6.71 -13.46 -18.37
CA ASP C 108 -5.23 -13.36 -18.39
C ASP C 108 -4.82 -12.62 -17.12
N ALA C 109 -5.56 -11.55 -16.75
CA ALA C 109 -5.07 -10.69 -15.64
C ALA C 109 -5.06 -11.49 -14.33
N PHE C 110 -6.09 -12.29 -14.10
CA PHE C 110 -6.25 -13.07 -12.85
C PHE C 110 -5.37 -14.32 -12.90
N LYS C 111 -5.11 -14.84 -14.09
CA LYS C 111 -4.23 -16.02 -14.22
C LYS C 111 -2.85 -15.58 -13.72
N ILE C 112 -2.40 -14.40 -14.12
CA ILE C 112 -1.06 -13.88 -13.77
C ILE C 112 -1.01 -13.45 -12.31
N LEU C 113 -1.95 -12.60 -11.91
CA LEU C 113 -1.95 -12.02 -10.56
C LEU C 113 -2.00 -13.14 -9.51
N SER C 114 -2.71 -14.22 -9.78
CA SER C 114 -2.88 -15.33 -8.82
C SER C 114 -1.59 -16.11 -8.67
N THR C 115 -0.61 -15.96 -9.57
CA THR C 115 0.73 -16.57 -9.36
C THR C 115 1.53 -15.83 -8.29
N TYR C 116 1.24 -14.55 -8.03
CA TYR C 116 2.03 -13.62 -7.16
C TYR C 116 1.62 -13.72 -5.68
N VAL C 117 0.41 -14.16 -5.39
CA VAL C 117 -0.22 -13.99 -4.04
C VAL C 117 -0.91 -15.27 -3.58
N ASP C 118 -1.29 -15.33 -2.30
CA ASP C 118 -2.02 -16.45 -1.66
C ASP C 118 -3.53 -16.35 -1.85
N GLY C 119 -4.03 -15.16 -2.14
CA GLY C 119 -5.48 -14.88 -2.13
C GLY C 119 -5.77 -13.51 -2.67
N ILE C 120 -6.97 -13.29 -3.17
CA ILE C 120 -7.35 -11.99 -3.78
C ILE C 120 -8.68 -11.56 -3.19
N ILE C 121 -8.75 -10.32 -2.75
CA ILE C 121 -9.99 -9.61 -2.37
C ILE C 121 -10.36 -8.75 -3.59
N TYR C 122 -11.58 -8.92 -4.11
CA TYR C 122 -11.97 -8.30 -5.40
C TYR C 122 -13.34 -7.66 -5.22
N ARG C 123 -13.37 -6.39 -5.58
CA ARG C 123 -14.57 -5.53 -5.69
C ARG C 123 -14.59 -4.95 -7.09
N ASP C 124 -15.70 -5.17 -7.79
CA ASP C 124 -15.90 -4.73 -9.20
C ASP C 124 -17.39 -4.58 -9.42
N PRO C 125 -17.90 -3.41 -9.88
CA PRO C 125 -19.32 -3.24 -10.17
C PRO C 125 -19.84 -4.24 -11.24
N SER C 126 -19.00 -4.71 -12.16
CA SER C 126 -19.38 -5.74 -13.16
C SER C 126 -19.75 -7.08 -12.50
N LYS C 127 -20.88 -7.71 -12.87
CA LYS C 127 -21.08 -9.08 -12.34
C LYS C 127 -20.24 -10.09 -13.11
N LYS C 128 -20.17 -9.94 -14.44
CA LYS C 128 -19.37 -10.84 -15.31
C LYS C 128 -17.95 -11.02 -14.69
N ASN C 129 -17.30 -9.93 -14.25
CA ASN C 129 -15.84 -9.94 -13.93
C ASN C 129 -15.52 -10.82 -12.72
N VAL C 130 -16.25 -10.73 -11.62
CA VAL C 130 -15.89 -11.55 -10.42
C VAL C 130 -15.99 -13.03 -10.78
N ASP C 131 -16.96 -13.43 -11.61
CA ASP C 131 -17.08 -14.86 -11.99
C ASP C 131 -15.95 -15.26 -12.92
N ILE C 132 -15.56 -14.40 -13.85
CA ILE C 132 -14.42 -14.73 -14.75
C ILE C 132 -13.15 -14.88 -13.92
N ALA C 133 -12.96 -13.97 -12.97
CA ALA C 133 -11.81 -13.99 -12.04
C ALA C 133 -11.81 -15.32 -11.33
N VAL C 134 -12.96 -15.81 -10.87
CA VAL C 134 -12.99 -17.08 -10.11
C VAL C 134 -12.54 -18.23 -11.04
N SER C 135 -12.99 -18.28 -12.28
CA SER C 135 -12.62 -19.40 -13.17
C SER C 135 -11.11 -19.33 -13.50
N SER C 136 -10.50 -18.14 -13.61
CA SER C 136 -9.12 -17.96 -14.12
C SER C 136 -8.10 -18.05 -13.00
N SER C 137 -8.47 -17.68 -11.77
CA SER C 137 -7.56 -17.53 -10.62
C SER C 137 -7.13 -18.91 -10.13
N SER C 138 -5.84 -19.13 -9.91
CA SER C 138 -5.31 -20.34 -9.24
C SER C 138 -5.43 -20.16 -7.71
N LYS C 139 -6.02 -19.06 -7.23
CA LYS C 139 -6.08 -18.76 -5.78
C LYS C 139 -7.47 -18.33 -5.37
N PRO C 140 -7.83 -18.53 -4.09
CA PRO C 140 -9.14 -18.16 -3.61
C PRO C 140 -9.45 -16.68 -3.78
N ILE C 141 -10.66 -16.39 -4.21
CA ILE C 141 -11.17 -14.99 -4.28
C ILE C 141 -12.25 -14.77 -3.21
N ILE C 142 -12.16 -13.65 -2.54
CA ILE C 142 -13.25 -13.12 -1.69
C ILE C 142 -13.87 -11.91 -2.37
N ASN C 143 -15.12 -12.05 -2.75
CA ASN C 143 -15.92 -10.96 -3.33
C ASN C 143 -16.19 -9.96 -2.22
N ALA C 144 -15.78 -8.71 -2.42
CA ALA C 144 -15.99 -7.59 -1.51
C ALA C 144 -17.11 -6.71 -2.04
N GLY C 145 -17.82 -7.16 -3.07
CA GLY C 145 -19.01 -6.47 -3.62
C GLY C 145 -18.98 -6.40 -5.13
N ASN C 146 -20.09 -6.73 -5.79
CA ASN C 146 -20.28 -6.53 -7.26
C ASN C 146 -21.69 -6.02 -7.59
N GLY C 147 -21.96 -5.80 -8.88
CA GLY C 147 -23.22 -5.31 -9.47
C GLY C 147 -24.47 -6.13 -9.18
N THR C 148 -24.41 -7.48 -9.20
CA THR C 148 -25.57 -8.32 -8.84
C THR C 148 -25.94 -8.17 -7.37
N GLY C 149 -25.23 -7.35 -6.61
CA GLY C 149 -25.50 -7.19 -5.16
C GLY C 149 -25.02 -8.38 -4.34
N GLU C 150 -24.15 -9.24 -4.87
CA GLU C 150 -23.46 -10.24 -4.03
C GLU C 150 -22.43 -9.45 -3.21
N HIS C 151 -22.44 -9.64 -1.90
CA HIS C 151 -21.54 -8.99 -0.95
C HIS C 151 -21.51 -9.85 0.30
N PRO C 152 -20.96 -11.07 0.24
CA PRO C 152 -21.09 -12.02 1.33
C PRO C 152 -20.63 -11.54 2.71
N THR C 153 -19.51 -10.83 2.79
CA THR C 153 -18.96 -10.31 4.09
C THR C 153 -19.95 -9.31 4.72
N GLN C 154 -20.67 -8.51 3.92
CA GLN C 154 -21.72 -7.61 4.49
C GLN C 154 -22.85 -8.45 5.10
N SER C 155 -23.29 -9.51 4.43
CA SER C 155 -24.37 -10.39 4.96
C SER C 155 -23.86 -11.01 6.24
N LEU C 156 -22.64 -11.50 6.21
CA LEU C 156 -22.05 -12.25 7.35
C LEU C 156 -21.92 -11.34 8.57
N LEU C 157 -21.55 -10.06 8.39
CA LEU C 157 -21.30 -9.15 9.53
C LEU C 157 -22.66 -8.68 10.04
N ASP C 158 -23.61 -8.43 9.11
CA ASP C 158 -25.03 -8.16 9.47
C ASP C 158 -25.54 -9.28 10.38
N PHE C 159 -25.31 -10.54 10.00
CA PHE C 159 -25.83 -11.72 10.72
C PHE C 159 -25.14 -11.82 12.08
N TYR C 160 -23.83 -11.66 12.09
CA TYR C 160 -23.01 -11.69 13.34
C TYR C 160 -23.59 -10.66 14.32
N THR C 161 -23.96 -9.49 13.80
CA THR C 161 -24.40 -8.38 14.66
C THR C 161 -25.73 -8.81 15.32
N ILE C 162 -26.69 -9.26 14.50
CA ILE C 162 -28.00 -9.78 14.97
C ILE C 162 -27.82 -10.93 15.98
N HIS C 163 -26.98 -11.92 15.68
CA HIS C 163 -26.78 -13.10 16.54
C HIS C 163 -26.23 -12.68 17.91
N ASN C 164 -25.50 -11.55 17.99
CA ASN C 164 -24.91 -11.10 19.26
C ASN C 164 -26.02 -10.68 20.22
N TYR C 165 -27.09 -10.04 19.71
CA TYR C 165 -28.26 -9.59 20.52
C TYR C 165 -29.32 -10.70 20.63
N PHE C 166 -29.49 -11.54 19.62
CA PHE C 166 -30.61 -12.54 19.55
C PHE C 166 -30.06 -13.91 19.18
N PRO C 167 -29.23 -14.52 20.05
CA PRO C 167 -28.55 -15.76 19.69
C PRO C 167 -29.51 -16.92 19.41
N PHE C 168 -30.78 -16.75 19.74
CA PHE C 168 -31.83 -17.76 19.50
C PHE C 168 -32.08 -17.97 17.98
N ILE C 169 -31.73 -17.03 17.09
CA ILE C 169 -31.89 -17.23 15.62
C ILE C 169 -31.21 -18.52 15.17
N LEU C 170 -30.16 -18.99 15.85
CA LEU C 170 -29.43 -20.22 15.45
C LEU C 170 -30.21 -21.49 15.83
N ASP C 171 -31.16 -21.41 16.74
CA ASP C 171 -31.78 -22.62 17.35
C ASP C 171 -32.76 -23.27 16.35
N ARG C 172 -33.36 -22.50 15.43
CA ARG C 172 -34.43 -23.08 14.58
C ARG C 172 -35.45 -23.78 15.49
N ASN C 173 -35.91 -23.05 16.51
CA ASN C 173 -36.96 -23.47 17.48
C ASN C 173 -38.28 -22.80 17.06
N ILE C 174 -39.34 -23.58 16.85
CA ILE C 174 -40.61 -23.05 16.30
C ILE C 174 -41.17 -21.93 17.22
N ASN C 175 -40.83 -21.97 18.52
CA ASN C 175 -41.28 -20.99 19.56
C ASN C 175 -40.42 -19.71 19.65
N LYS C 176 -39.20 -19.69 19.11
CA LYS C 176 -38.25 -18.56 19.25
C LYS C 176 -37.97 -18.01 17.84
N LYS C 177 -38.93 -17.17 17.38
CA LYS C 177 -39.02 -16.51 16.06
C LYS C 177 -38.45 -15.10 16.16
N LEU C 178 -37.60 -14.70 15.22
CA LEU C 178 -37.03 -13.33 15.18
C LEU C 178 -37.79 -12.54 14.13
N ASN C 179 -38.22 -11.33 14.46
CA ASN C 179 -38.94 -10.44 13.53
C ASN C 179 -38.03 -9.28 13.16
N ILE C 180 -37.86 -9.04 11.87
CA ILE C 180 -36.95 -7.99 11.38
C ILE C 180 -37.78 -7.09 10.49
N ALA C 181 -37.67 -5.77 10.64
CA ALA C 181 -38.19 -4.81 9.66
C ALA C 181 -37.02 -4.32 8.83
N PHE C 182 -37.21 -4.32 7.52
CA PHE C 182 -36.29 -3.78 6.51
C PHE C 182 -36.97 -2.50 6.00
N VAL C 183 -36.28 -1.38 6.11
CA VAL C 183 -36.86 -0.04 5.83
C VAL C 183 -36.07 0.65 4.73
N GLY C 184 -36.78 1.09 3.70
CA GLY C 184 -36.30 2.14 2.81
C GLY C 184 -36.39 1.72 1.36
N ASP C 185 -35.24 1.57 0.70
CA ASP C 185 -35.20 1.21 -0.72
C ASP C 185 -34.84 -0.26 -0.80
N LEU C 186 -35.86 -1.11 -0.80
CA LEU C 186 -35.74 -2.58 -0.77
C LEU C 186 -35.60 -3.10 -2.21
N LYS C 187 -35.95 -2.29 -3.21
CA LYS C 187 -35.69 -2.61 -4.64
C LYS C 187 -34.17 -2.59 -4.90
N ASN C 188 -33.49 -1.51 -4.51
CA ASN C 188 -32.08 -1.27 -4.88
C ASN C 188 -31.12 -1.63 -3.73
N GLY C 189 -31.63 -1.78 -2.50
CA GLY C 189 -30.81 -2.14 -1.32
C GLY C 189 -30.51 -3.62 -1.32
N ARG C 190 -29.46 -3.99 -2.04
CA ARG C 190 -29.04 -5.37 -2.34
C ARG C 190 -28.57 -6.04 -1.07
N THR C 191 -28.24 -5.23 -0.08
CA THR C 191 -27.78 -5.69 1.24
C THR C 191 -28.97 -6.38 1.93
N VAL C 192 -30.17 -5.91 1.64
CA VAL C 192 -31.43 -6.52 2.13
C VAL C 192 -31.63 -7.88 1.46
N HIS C 193 -31.43 -7.92 0.14
CA HIS C 193 -31.62 -9.14 -0.67
C HIS C 193 -30.74 -10.25 -0.08
N SER C 194 -29.47 -9.99 0.09
CA SER C 194 -28.48 -10.98 0.54
C SER C 194 -28.84 -11.43 1.96
N LEU C 195 -29.10 -10.50 2.87
CA LEU C 195 -29.29 -10.82 4.31
C LEU C 195 -30.60 -11.63 4.47
N SER C 196 -31.65 -11.25 3.74
CA SER C 196 -32.96 -11.98 3.67
C SER C 196 -32.69 -13.44 3.32
N LYS C 197 -31.90 -13.70 2.27
CA LYS C 197 -31.53 -15.09 1.88
C LYS C 197 -30.93 -15.81 3.08
N LEU C 198 -30.03 -15.18 3.82
CA LEU C 198 -29.33 -15.83 4.95
C LEU C 198 -30.31 -16.00 6.12
N LEU C 199 -31.11 -14.96 6.40
CA LEU C 199 -32.02 -14.97 7.57
C LEU C 199 -33.11 -16.02 7.38
N SER C 200 -33.54 -16.22 6.13
CA SER C 200 -34.68 -17.13 5.77
C SER C 200 -34.27 -18.60 5.97
N ARG C 201 -33.02 -18.87 6.32
CA ARG C 201 -32.50 -20.22 6.65
C ARG C 201 -32.89 -20.55 8.08
N TYR C 202 -33.49 -19.58 8.77
CA TYR C 202 -33.78 -19.63 10.23
C TYR C 202 -35.25 -19.25 10.47
N ASN C 203 -35.68 -19.32 11.73
CA ASN C 203 -37.08 -19.02 12.11
C ASN C 203 -37.19 -17.51 12.23
N VAL C 204 -37.49 -16.86 11.11
CA VAL C 204 -37.50 -15.38 10.97
C VAL C 204 -38.74 -14.95 10.20
N SER C 205 -39.29 -13.82 10.60
CA SER C 205 -40.46 -13.14 10.03
C SER C 205 -40.00 -11.77 9.56
N PHE C 206 -40.52 -11.29 8.45
CA PHE C 206 -39.99 -10.14 7.71
C PHE C 206 -41.08 -9.09 7.52
N ASN C 207 -40.83 -7.88 7.98
CA ASN C 207 -41.60 -6.68 7.60
C ASN C 207 -40.83 -5.87 6.57
N PHE C 208 -41.41 -5.66 5.40
CA PHE C 208 -40.81 -4.88 4.29
C PHE C 208 -41.53 -3.53 4.23
N VAL C 209 -40.84 -2.52 4.77
CA VAL C 209 -41.38 -1.14 4.91
C VAL C 209 -40.82 -0.26 3.80
N SER C 210 -41.66 0.10 2.82
CA SER C 210 -41.24 0.85 1.60
C SER C 210 -42.43 1.58 0.96
N CYS C 211 -42.11 2.60 0.18
CA CYS C 211 -43.03 3.28 -0.78
C CYS C 211 -43.28 2.29 -1.92
N LYS C 212 -44.29 2.52 -2.78
CA LYS C 212 -44.68 1.57 -3.86
C LYS C 212 -43.50 1.30 -4.81
N SER C 213 -42.89 2.33 -5.40
CA SER C 213 -41.84 2.24 -6.45
C SER C 213 -40.64 1.39 -5.99
N LEU C 214 -40.39 1.25 -4.68
CA LEU C 214 -39.10 0.70 -4.14
C LEU C 214 -39.34 -0.50 -3.21
N ASN C 215 -40.30 -1.35 -3.53
CA ASN C 215 -40.63 -2.55 -2.72
C ASN C 215 -39.57 -3.62 -2.90
N ILE C 216 -39.48 -4.54 -1.94
CA ILE C 216 -38.70 -5.80 -2.09
C ILE C 216 -39.13 -6.50 -3.40
N PRO C 217 -38.19 -6.96 -4.25
CA PRO C 217 -38.55 -7.62 -5.50
C PRO C 217 -39.15 -9.03 -5.30
N LYS C 218 -40.01 -9.46 -6.25
CA LYS C 218 -40.77 -10.73 -6.09
C LYS C 218 -39.82 -11.93 -5.91
N ASP C 219 -38.69 -11.98 -6.63
CA ASP C 219 -37.82 -13.19 -6.63
C ASP C 219 -37.19 -13.35 -5.24
N ILE C 220 -36.97 -12.24 -4.49
CA ILE C 220 -36.43 -12.30 -3.09
C ILE C 220 -37.52 -12.87 -2.17
N VAL C 221 -38.76 -12.40 -2.29
CA VAL C 221 -39.90 -12.98 -1.54
C VAL C 221 -39.99 -14.49 -1.80
N ASN C 222 -39.81 -14.89 -3.07
CA ASN C 222 -39.88 -16.32 -3.45
C ASN C 222 -38.75 -17.10 -2.77
N THR C 223 -37.54 -16.54 -2.75
CA THR C 223 -36.39 -17.22 -2.13
C THR C 223 -36.63 -17.30 -0.63
N ILE C 224 -37.17 -16.26 0.00
CA ILE C 224 -37.44 -16.24 1.46
C ILE C 224 -38.40 -17.40 1.72
N THR C 225 -39.46 -17.46 0.93
CA THR C 225 -40.58 -18.43 1.10
C THR C 225 -40.00 -19.85 0.99
N TYR C 226 -39.13 -20.07 0.01
CA TYR C 226 -38.55 -21.39 -0.27
C TYR C 226 -37.67 -21.82 0.91
N ASN C 227 -36.85 -20.90 1.43
CA ASN C 227 -35.92 -21.20 2.55
C ASN C 227 -36.73 -21.41 3.84
N LEU C 228 -37.81 -20.66 4.04
CA LEU C 228 -38.65 -20.83 5.25
C LEU C 228 -39.36 -22.19 5.18
N LYS C 229 -39.84 -22.57 4.00
CA LYS C 229 -40.57 -23.85 3.81
C LYS C 229 -39.63 -25.00 4.09
N LYS C 230 -38.36 -24.93 3.72
CA LYS C 230 -37.44 -26.07 3.91
C LYS C 230 -37.43 -26.47 5.40
N ASN C 231 -37.47 -25.50 6.34
CA ASN C 231 -37.39 -25.77 7.80
C ASN C 231 -38.75 -25.64 8.49
N ASN C 232 -39.84 -25.58 7.73
CA ASN C 232 -41.26 -25.51 8.20
C ASN C 232 -41.43 -24.34 9.16
N PHE C 233 -41.03 -23.14 8.70
CA PHE C 233 -41.21 -21.85 9.41
C PHE C 233 -42.02 -20.89 8.54
N TYR C 234 -42.61 -21.36 7.45
CA TYR C 234 -43.39 -20.48 6.56
C TYR C 234 -44.83 -20.47 7.02
N SER C 235 -45.44 -19.29 7.08
CA SER C 235 -46.87 -19.05 7.37
C SER C 235 -47.31 -17.75 6.67
N ASP C 236 -48.61 -17.48 6.74
CA ASP C 236 -49.29 -16.34 6.07
C ASP C 236 -48.73 -15.08 6.72
N ASP C 237 -48.18 -15.21 7.94
CA ASP C 237 -47.60 -14.12 8.78
C ASP C 237 -46.04 -14.03 8.65
N SER C 238 -45.42 -14.79 7.75
CA SER C 238 -43.95 -14.82 7.62
C SER C 238 -43.52 -13.51 6.99
N ILE C 239 -44.29 -12.96 6.07
CA ILE C 239 -43.85 -11.77 5.28
C ILE C 239 -44.98 -10.75 5.27
N LYS C 240 -44.83 -9.62 5.96
CA LYS C 240 -45.80 -8.51 5.90
C LYS C 240 -45.17 -7.32 5.16
N TYR C 241 -46.00 -6.52 4.50
CA TYR C 241 -45.65 -5.32 3.71
C TYR C 241 -46.31 -4.11 4.36
N PHE C 242 -45.55 -3.04 4.63
CA PHE C 242 -46.06 -1.74 5.14
C PHE C 242 -45.48 -0.59 4.32
N ASP C 243 -46.16 0.55 4.36
CA ASP C 243 -45.72 1.79 3.68
C ASP C 243 -45.51 2.89 4.73
N ASN C 244 -45.42 2.53 6.01
CA ASN C 244 -45.30 3.49 7.13
C ASN C 244 -44.64 2.82 8.33
N LEU C 245 -43.95 3.63 9.13
CA LEU C 245 -43.06 3.15 10.23
C LEU C 245 -43.89 2.73 11.43
N GLU C 246 -44.93 3.50 11.80
CA GLU C 246 -45.83 3.22 12.95
C GLU C 246 -46.11 1.70 12.97
N GLU C 247 -46.65 1.16 11.88
CA GLU C 247 -47.05 -0.27 11.74
C GLU C 247 -45.78 -1.12 11.54
N GLY C 248 -44.92 -0.78 10.57
CA GLY C 248 -43.71 -1.55 10.24
C GLY C 248 -42.81 -1.91 11.42
N LEU C 249 -42.65 -0.99 12.39
CA LEU C 249 -41.56 -1.12 13.39
C LEU C 249 -42.08 -1.79 14.67
N GLU C 250 -43.34 -2.21 14.65
CA GLU C 250 -44.07 -2.78 15.81
C GLU C 250 -43.63 -4.24 15.98
N ASP C 251 -43.30 -4.66 17.20
CA ASP C 251 -42.95 -6.06 17.55
C ASP C 251 -41.88 -6.60 16.57
N VAL C 252 -40.81 -5.84 16.31
CA VAL C 252 -39.63 -6.34 15.53
C VAL C 252 -38.38 -6.21 16.39
N HIS C 253 -37.64 -7.32 16.55
CA HIS C 253 -36.34 -7.40 17.29
C HIS C 253 -35.27 -6.58 16.54
N ILE C 254 -35.35 -6.49 15.22
CA ILE C 254 -34.34 -5.79 14.40
C ILE C 254 -35.03 -4.77 13.50
N ILE C 255 -34.48 -3.55 13.44
CA ILE C 255 -34.77 -2.56 12.38
C ILE C 255 -33.50 -2.36 11.57
N TYR C 256 -33.54 -2.67 10.28
CA TYR C 256 -32.41 -2.54 9.35
C TYR C 256 -32.78 -1.47 8.35
N MET C 257 -32.17 -0.30 8.44
CA MET C 257 -32.43 0.87 7.55
C MET C 257 -31.49 0.80 6.33
N THR C 258 -31.83 1.47 5.22
CA THR C 258 -31.06 1.51 3.95
C THR C 258 -30.95 2.95 3.42
N ARG C 259 -29.98 3.21 2.53
CA ARG C 259 -29.86 4.49 1.79
C ARG C 259 -31.06 4.58 0.87
N ILE C 260 -31.79 5.69 0.90
CA ILE C 260 -32.99 5.92 0.05
C ILE C 260 -32.64 7.09 -0.90
N GLN C 261 -31.67 6.88 -1.80
CA GLN C 261 -31.09 7.88 -2.75
C GLN C 261 -32.18 8.37 -3.73
N ASN C 276 -38.05 11.24 3.28
CA ASN C 276 -39.09 12.08 3.95
C ASN C 276 -39.97 11.21 4.86
N ALA C 277 -40.54 10.12 4.33
CA ALA C 277 -41.48 9.20 5.01
C ALA C 277 -40.72 8.23 5.93
N PHE C 278 -39.53 7.76 5.53
CA PHE C 278 -38.83 6.67 6.24
C PHE C 278 -37.58 7.17 6.96
N ILE C 279 -37.69 8.30 7.65
CA ILE C 279 -36.62 8.85 8.54
C ILE C 279 -36.84 8.37 9.98
N LEU C 280 -35.84 7.70 10.56
CA LEU C 280 -35.83 7.17 11.94
C LEU C 280 -35.42 8.28 12.93
N SER C 281 -36.21 8.43 14.00
CA SER C 281 -36.04 9.41 15.10
C SER C 281 -36.39 8.72 16.43
N ASN C 282 -36.03 9.32 17.57
CA ASN C 282 -36.39 8.79 18.91
C ASN C 282 -37.92 8.74 19.02
N LYS C 283 -38.62 9.66 18.32
CA LYS C 283 -40.10 9.65 18.25
C LYS C 283 -40.58 8.33 17.61
N THR C 284 -40.13 8.00 16.40
CA THR C 284 -40.58 6.78 15.67
C THR C 284 -40.13 5.51 16.42
N LEU C 285 -39.25 5.61 17.42
CA LEU C 285 -38.74 4.43 18.18
C LEU C 285 -39.50 4.18 19.49
N GLU C 286 -40.39 5.08 19.89
CA GLU C 286 -41.22 4.94 21.12
C GLU C 286 -42.08 3.66 21.11
N ASN C 287 -42.65 3.23 19.97
CA ASN C 287 -43.51 2.03 19.92
C ASN C 287 -42.77 0.85 19.30
N THR C 288 -41.49 0.72 19.63
CA THR C 288 -40.66 -0.46 19.32
C THR C 288 -40.50 -1.26 20.61
N ARG C 289 -40.07 -2.52 20.50
CA ARG C 289 -39.80 -3.39 21.67
C ARG C 289 -38.63 -2.77 22.43
N ASP C 290 -38.45 -3.22 23.68
CA ASP C 290 -37.37 -2.67 24.54
C ASP C 290 -36.04 -3.16 23.99
N ASP C 291 -36.03 -4.37 23.41
CA ASP C 291 -34.79 -5.12 23.07
C ASP C 291 -34.42 -4.82 21.62
N THR C 292 -35.20 -3.99 20.90
CA THR C 292 -34.93 -3.84 19.46
C THR C 292 -33.57 -3.18 19.28
N LYS C 293 -32.85 -3.64 18.25
CA LYS C 293 -31.55 -3.10 17.81
C LYS C 293 -31.70 -2.61 16.37
N ILE C 294 -31.00 -1.53 16.06
CA ILE C 294 -31.08 -0.76 14.78
C ILE C 294 -29.78 -0.97 14.02
N LEU C 295 -29.87 -1.56 12.83
CA LEU C 295 -28.71 -1.70 11.92
C LEU C 295 -28.90 -0.77 10.72
N HIS C 296 -27.78 -0.47 10.07
CA HIS C 296 -27.67 0.33 8.83
C HIS C 296 -26.34 -0.04 8.24
N PRO C 297 -26.26 -0.58 6.99
CA PRO C 297 -24.99 -1.03 6.40
C PRO C 297 -23.98 0.13 6.30
N LEU C 298 -24.49 1.36 6.23
CA LEU C 298 -23.75 2.66 6.14
C LEU C 298 -23.09 2.73 4.78
N PRO C 299 -22.85 3.96 4.25
CA PRO C 299 -23.09 5.20 4.96
C PRO C 299 -24.55 5.65 5.02
N ARG C 300 -24.91 6.37 6.09
CA ARG C 300 -26.25 7.02 6.22
C ARG C 300 -26.18 8.45 5.70
N VAL C 301 -27.33 9.00 5.31
CA VAL C 301 -27.51 10.43 4.93
C VAL C 301 -28.52 11.00 5.93
N ASN C 302 -29.83 11.00 5.65
CA ASN C 302 -30.84 11.51 6.61
C ASN C 302 -31.65 10.38 7.25
N GLU C 303 -31.59 9.15 6.70
CA GLU C 303 -32.42 7.97 7.14
C GLU C 303 -32.43 7.81 8.66
N ILE C 304 -31.31 8.10 9.34
CA ILE C 304 -31.25 8.07 10.84
C ILE C 304 -30.70 9.41 11.31
N LYS C 305 -31.53 10.15 12.05
CA LYS C 305 -31.17 11.43 12.74
C LYS C 305 -30.06 11.18 13.77
N VAL C 306 -29.11 12.12 13.89
CA VAL C 306 -27.92 12.01 14.80
C VAL C 306 -28.38 11.71 16.23
N GLU C 307 -29.58 12.16 16.63
CA GLU C 307 -30.07 11.97 18.01
C GLU C 307 -30.12 10.47 18.35
N VAL C 308 -30.31 9.59 17.38
CA VAL C 308 -30.57 8.13 17.63
C VAL C 308 -29.27 7.46 18.07
N ASP C 309 -28.12 7.98 17.59
CA ASP C 309 -26.75 7.54 17.96
C ASP C 309 -26.65 7.40 19.48
N SER C 310 -27.31 8.26 20.24
CA SER C 310 -27.29 8.28 21.73
C SER C 310 -28.23 7.23 22.29
N ASN C 311 -29.23 6.82 21.51
CA ASN C 311 -30.25 5.84 21.96
C ASN C 311 -29.57 4.47 22.02
N PRO C 312 -29.59 3.76 23.17
CA PRO C 312 -28.95 2.45 23.29
C PRO C 312 -29.41 1.39 22.28
N LYS C 313 -30.55 1.60 21.61
CA LYS C 313 -31.05 0.66 20.57
C LYS C 313 -30.16 0.75 19.31
N SER C 314 -29.42 1.84 19.09
CA SER C 314 -28.59 1.99 17.88
C SER C 314 -27.33 1.10 18.02
N VAL C 315 -27.00 0.32 16.99
CA VAL C 315 -25.79 -0.55 16.94
C VAL C 315 -25.16 -0.48 15.55
N TYR C 316 -25.55 0.47 14.69
CA TYR C 316 -25.00 0.53 13.31
C TYR C 316 -23.48 0.74 13.34
N PHE C 317 -22.92 1.44 14.32
CA PHE C 317 -21.45 1.67 14.40
C PHE C 317 -20.79 0.41 14.96
N THR C 318 -21.40 -0.29 15.92
CA THR C 318 -20.87 -1.60 16.36
C THR C 318 -20.88 -2.58 15.18
N GLN C 319 -21.95 -2.53 14.37
CA GLN C 319 -22.14 -3.34 13.14
C GLN C 319 -20.91 -3.21 12.22
N ALA C 320 -20.60 -2.00 11.79
CA ALA C 320 -19.44 -1.66 10.94
C ALA C 320 -18.14 -2.17 11.60
N GLU C 321 -17.97 -1.93 12.88
CA GLU C 321 -16.84 -2.46 13.66
C GLU C 321 -16.80 -3.99 13.48
N ASN C 322 -17.91 -4.69 13.60
CA ASN C 322 -17.93 -6.18 13.58
C ASN C 322 -17.41 -6.71 12.23
N GLY C 323 -17.48 -5.89 11.19
CA GLY C 323 -16.88 -6.18 9.87
C GLY C 323 -15.42 -6.58 9.99
N LEU C 324 -14.67 -5.92 10.89
CA LEU C 324 -13.24 -6.24 11.08
C LEU C 324 -13.17 -7.69 11.55
N TYR C 325 -13.96 -8.06 12.55
CA TYR C 325 -13.80 -9.39 13.21
C TYR C 325 -14.31 -10.47 12.25
N VAL C 326 -15.35 -10.19 11.48
CA VAL C 326 -15.90 -11.20 10.53
C VAL C 326 -14.92 -11.42 9.35
N ARG C 327 -14.31 -10.35 8.83
CA ARG C 327 -13.34 -10.43 7.71
C ARG C 327 -12.06 -11.13 8.21
N MET C 328 -11.61 -10.87 9.42
CA MET C 328 -10.49 -11.63 10.02
C MET C 328 -10.86 -13.11 10.10
N ALA C 329 -12.06 -13.44 10.59
CA ALA C 329 -12.49 -14.84 10.76
C ALA C 329 -12.45 -15.54 9.41
N LEU C 330 -13.05 -14.91 8.43
CA LEU C 330 -13.21 -15.56 7.12
C LEU C 330 -11.81 -15.78 6.52
N LEU C 331 -10.89 -14.81 6.62
CA LEU C 331 -9.53 -14.97 6.05
C LEU C 331 -8.83 -16.10 6.81
N TYR C 332 -9.00 -16.13 8.11
CA TYR C 332 -8.35 -17.17 8.94
C TYR C 332 -8.82 -18.57 8.47
N LEU C 333 -10.13 -18.77 8.32
CA LEU C 333 -10.74 -20.11 8.06
C LEU C 333 -10.37 -20.58 6.66
N ILE C 334 -10.28 -19.66 5.70
CA ILE C 334 -9.99 -20.00 4.28
C ILE C 334 -8.50 -20.23 4.03
N PHE C 335 -7.64 -19.35 4.54
CA PHE C 335 -6.20 -19.26 4.13
C PHE C 335 -5.27 -19.96 5.12
N SER C 336 -5.76 -20.36 6.28
CA SER C 336 -4.91 -20.99 7.31
C SER C 336 -4.35 -22.28 6.70
N SER C 337 -3.09 -22.55 6.95
CA SER C 337 -2.43 -23.82 6.58
C SER C 337 -1.87 -24.39 7.88
N THR C 338 -2.65 -24.39 8.97
CA THR C 338 -2.25 -25.06 10.25
C THR C 338 -2.47 -26.56 10.09
N SER C 339 -2.22 -27.29 11.18
CA SER C 339 -2.64 -28.70 11.34
C SER C 339 -2.75 -28.98 12.83
N SER C 340 -3.42 -28.08 13.59
CA SER C 340 -3.70 -28.31 15.04
C SER C 340 -4.95 -27.54 15.45
N ALA C 341 -5.81 -28.20 16.21
CA ALA C 341 -6.92 -27.62 17.03
C ALA C 341 -6.38 -26.58 18.03
N TRP C 342 -5.25 -26.87 18.69
CA TRP C 342 -4.57 -25.99 19.67
C TRP C 342 -4.13 -24.65 19.07
N SER C 343 -3.97 -24.55 17.76
CA SER C 343 -3.42 -23.31 17.16
C SER C 343 -4.54 -22.27 16.93
N HIS C 344 -5.81 -22.67 16.94
CA HIS C 344 -6.96 -21.78 16.62
C HIS C 344 -7.18 -20.76 17.74
N PRO C 345 -7.78 -19.60 17.42
CA PRO C 345 -8.15 -18.62 18.45
C PRO C 345 -9.18 -19.21 19.44
N GLN C 346 -8.99 -18.94 20.74
CA GLN C 346 -9.70 -19.63 21.85
C GLN C 346 -9.52 -18.81 23.15
N PHE C 347 -10.03 -17.58 23.17
CA PHE C 347 -10.08 -16.66 24.34
C PHE C 347 -11.37 -16.87 25.13
O2 OBZ D . -15.12 6.97 3.00
C3 OBZ D . -15.42 7.11 4.39
C4 OBZ D . -14.76 6.02 5.18
C9 OBZ D . -15.35 5.53 6.34
C8 OBZ D . -14.73 4.54 7.08
C7 OBZ D . -13.53 4.02 6.66
C6 OBZ D . -12.94 4.49 5.52
C5 OBZ D . -13.56 5.48 4.77
N1 OBZ D . -16.14 7.63 2.24
H3 OBZ D . -15.10 7.99 4.70
H3A OBZ D . -16.39 7.07 4.52
H9 OBZ D . -16.17 5.90 6.63
H8 OBZ D . -15.14 4.22 7.86
H7 OBZ D . -13.11 3.33 7.17
H6 OBZ D . -12.11 4.13 5.24
H5 OBZ D . -13.14 5.80 3.99
HN1 OBZ D . -16.25 8.51 2.59
HN1A OBZ D . -16.93 7.09 2.29
S SO4 E . 5.48 -7.92 9.32
O1 SO4 E . 5.06 -6.68 9.95
O2 SO4 E . 4.36 -8.64 8.73
O3 SO4 E . 6.46 -7.62 8.31
O4 SO4 E . 6.07 -8.79 10.32
NA NA F . 0.89 -1.33 2.20
O2 OBZ G . 8.45 14.74 -4.02
C3 OBZ G . 9.42 14.96 -2.99
C4 OBZ G . 9.53 13.76 -2.08
C9 OBZ G . 10.62 13.65 -1.24
C8 OBZ G . 10.71 12.57 -0.39
C7 OBZ G . 9.73 11.60 -0.38
C6 OBZ G . 8.67 11.70 -1.24
C5 OBZ G . 8.56 12.78 -2.09
N1 OBZ G . 8.28 15.97 -4.71
H3 OBZ G . 10.29 15.14 -3.40
H3A OBZ G . 9.17 15.74 -2.46
H9 OBZ G . 11.28 14.34 -1.22
H8 OBZ G . 11.45 12.50 0.20
H7 OBZ G . 9.81 10.86 0.19
H6 OBZ G . 8.00 11.03 -1.24
H5 OBZ G . 7.82 12.85 -2.66
HN1 OBZ G . 9.13 16.27 -5.02
HN1A OBZ G . 7.86 16.60 -4.13
S SO4 H . 3.53 -4.98 6.03
O1 SO4 H . 3.29 -3.70 6.66
O2 SO4 H . 2.26 -5.63 5.74
O3 SO4 H . 4.25 -4.73 4.80
O4 SO4 H . 4.26 -5.85 6.90
#